data_9EU4
#
_entry.id   9EU4
#
_cell.length_a   140.372
_cell.length_b   140.372
_cell.length_c   110.710
_cell.angle_alpha   90.000
_cell.angle_beta   90.000
_cell.angle_gamma   120.000
#
_symmetry.space_group_name_H-M   'P 32 2 1'
#
loop_
_entity.id
_entity.type
_entity.pdbx_description
1 polymer 'Exported alpha-L-fucosidase protein'
2 non-polymer beta-L-fucopyranose
3 non-polymer 'SULFATE ION'
4 water water
#
_entity_poly.entity_id   1
_entity_poly.type   'polypeptide(L)'
_entity_poly.pdbx_seq_one_letter_code
;MQQKYQPTEANLKARSEFQDNKFGIFLHWGLYAMLATGEWTMTNNNLNYKEYAKLAGGFYPSKFDADKWVAAIKASGAKY
ICFTTRHHEGFSMFDTKYSDYNIVKATPFKRDVVKELADACAKHGIKLHFYYSHIDWYREDAPQGRTGRRTGRPNPKGDW
KSYYQFMNNQLTELLTNYGPIGAIWFDGWWDQDINPDFDWELPEQYALIHRLQPACLVGNNHHQTPFAGEDIQIFERDLP
GENTAGLSGQSVSHLPLETCETMNGMWGYKITDQNYKSTKTLIHYLVKAAGKDANLLMNIGPQPDGELPEVAVQRLKEVG
EWMSKYGETIYGTRGGLVAPHDWGVTTQKGNKLYVHILNLQDKALFLPIVDKKVKKAVVFADKTPVRFTKNKEGIVLELA
KVPTDVDYVVELTIDDEHHHHHH
;
_entity_poly.pdbx_strand_id   A,B
#
# COMPACT_ATOMS: atom_id res chain seq x y z
N LYS A 4 -6.86 -15.61 -4.73
CA LYS A 4 -5.88 -15.77 -3.66
C LYS A 4 -5.07 -14.50 -3.43
N TYR A 5 -3.78 -14.62 -3.12
CA TYR A 5 -3.01 -13.46 -2.68
C TYR A 5 -2.53 -12.66 -3.88
N GLN A 6 -2.95 -11.39 -3.96
CA GLN A 6 -2.53 -10.45 -5.01
C GLN A 6 -1.80 -9.30 -4.34
N PRO A 7 -0.47 -9.34 -4.26
CA PRO A 7 0.25 -8.25 -3.60
C PRO A 7 0.19 -6.97 -4.42
N THR A 8 0.01 -5.85 -3.72
CA THR A 8 -0.18 -4.60 -4.43
C THR A 8 1.14 -4.10 -5.04
N GLU A 9 1.03 -3.01 -5.80
CA GLU A 9 2.22 -2.37 -6.34
C GLU A 9 3.08 -1.80 -5.21
N ALA A 10 2.43 -1.23 -4.20
CA ALA A 10 3.18 -0.72 -3.05
C ALA A 10 3.89 -1.85 -2.34
N ASN A 11 3.22 -2.98 -2.16
CA ASN A 11 3.87 -4.06 -1.43
C ASN A 11 5.11 -4.54 -2.16
N LEU A 12 5.03 -4.69 -3.48
CA LEU A 12 6.17 -5.12 -4.28
C LEU A 12 7.31 -4.12 -4.19
N LYS A 13 6.99 -2.82 -4.23
CA LYS A 13 8.01 -1.80 -4.06
C LYS A 13 8.70 -1.95 -2.71
N ALA A 14 7.91 -2.23 -1.66
CA ALA A 14 8.47 -2.35 -0.32
C ALA A 14 9.36 -3.59 -0.20
N ARG A 15 8.99 -4.69 -0.87
CA ARG A 15 9.86 -5.86 -0.93
C ARG A 15 11.20 -5.51 -1.58
N SER A 16 11.17 -4.76 -2.67
CA SER A 16 12.43 -4.38 -3.30
C SER A 16 13.28 -3.51 -2.37
N GLU A 17 12.65 -2.53 -1.69
CA GLU A 17 13.39 -1.67 -0.78
C GLU A 17 13.98 -2.48 0.38
N PHE A 18 13.20 -3.43 0.91
CA PHE A 18 13.69 -4.32 1.96
C PHE A 18 14.93 -5.06 1.50
N GLN A 19 14.83 -5.79 0.38
CA GLN A 19 16.01 -6.50 -0.15
C GLN A 19 17.18 -5.55 -0.34
N ASP A 20 16.89 -4.29 -0.70
CA ASP A 20 17.93 -3.29 -0.95
C ASP A 20 18.64 -2.87 0.33
N ASN A 21 17.95 -2.88 1.48
CA ASN A 21 18.53 -2.38 2.72
C ASN A 21 19.47 -3.36 3.41
N LYS A 22 19.17 -4.67 3.33
CA LYS A 22 20.09 -5.77 3.64
C LYS A 22 20.33 -6.04 5.13
N PHE A 23 20.31 -5.02 5.99
CA PHE A 23 20.87 -5.14 7.33
C PHE A 23 19.99 -4.45 8.35
N GLY A 24 19.52 -5.19 9.37
CA GLY A 24 18.72 -4.60 10.43
C GLY A 24 19.10 -5.18 11.78
N ILE A 25 18.63 -4.51 12.84
CA ILE A 25 18.96 -4.91 14.21
C ILE A 25 17.70 -5.43 14.91
N PHE A 26 17.81 -6.59 15.57
CA PHE A 26 16.77 -7.17 16.40
C PHE A 26 16.89 -6.68 17.85
N LEU A 27 15.81 -6.14 18.41
CA LEU A 27 15.77 -5.75 19.82
C LEU A 27 14.73 -6.62 20.55
N HIS A 28 15.22 -7.51 21.47
CA HIS A 28 14.39 -8.36 22.33
C HIS A 28 14.38 -7.78 23.74
N TRP A 29 13.30 -7.11 24.12
CA TRP A 29 13.22 -6.40 25.38
C TRP A 29 11.85 -6.59 26.01
N GLY A 30 11.82 -7.03 27.26
CA GLY A 30 10.57 -7.11 28.02
C GLY A 30 10.85 -7.31 29.49
N LEU A 31 9.82 -7.74 30.24
CA LEU A 31 10.01 -7.97 31.67
C LEU A 31 11.15 -8.93 31.95
N TYR A 32 11.37 -9.90 31.07
CA TYR A 32 12.42 -10.89 31.28
C TYR A 32 13.81 -10.25 31.43
N ALA A 33 13.99 -8.99 30.99
CA ALA A 33 15.29 -8.35 31.21
C ALA A 33 15.58 -8.17 32.70
N MET A 34 14.56 -8.00 33.52
CA MET A 34 14.76 -8.03 34.97
C MET A 34 15.36 -9.35 35.41
N LEU A 35 14.81 -10.46 34.92
CA LEU A 35 15.30 -11.75 35.37
C LEU A 35 16.68 -12.03 34.80
N ALA A 36 16.98 -11.44 33.63
CA ALA A 36 18.29 -11.49 32.98
C ALA A 36 18.74 -12.93 32.73
N THR A 37 17.80 -13.87 32.59
CA THR A 37 18.13 -15.26 32.26
C THR A 37 17.48 -15.72 30.97
N GLY A 38 16.87 -14.80 30.20
CA GLY A 38 16.34 -15.15 28.89
C GLY A 38 14.83 -15.04 28.76
N GLU A 39 14.36 -14.74 27.56
CA GLU A 39 12.94 -14.48 27.35
C GLU A 39 12.08 -15.74 27.47
N TRP A 40 12.69 -16.93 27.44
CA TRP A 40 11.97 -18.19 27.69
C TRP A 40 11.87 -18.57 29.17
N THR A 41 12.29 -17.70 30.10
CA THR A 41 12.41 -18.12 31.48
C THR A 41 11.05 -18.49 32.09
N MET A 42 9.99 -17.73 31.75
CA MET A 42 8.67 -18.03 32.28
C MET A 42 8.25 -19.48 32.05
N THR A 43 8.48 -20.00 30.84
CA THR A 43 8.10 -21.39 30.59
C THR A 43 9.20 -22.37 30.99
N ASN A 44 10.47 -21.97 30.85
CA ASN A 44 11.57 -22.84 31.27
C ASN A 44 11.45 -23.20 32.74
N ASN A 45 11.07 -22.23 33.58
CA ASN A 45 11.08 -22.40 35.04
C ASN A 45 9.71 -22.63 35.64
N ASN A 46 8.66 -22.72 34.80
CA ASN A 46 7.29 -22.97 35.23
C ASN A 46 6.77 -21.89 36.19
N LEU A 47 7.11 -20.63 35.91
CA LEU A 47 6.72 -19.53 36.79
C LEU A 47 5.22 -19.28 36.75
N ASN A 48 4.63 -19.07 37.94
CA ASN A 48 3.22 -18.71 38.01
C ASN A 48 2.98 -17.36 37.34
N TYR A 49 1.88 -17.28 36.58
CA TYR A 49 1.68 -16.12 35.71
C TYR A 49 1.38 -14.85 36.50
N LYS A 50 0.65 -14.97 37.61
CA LYS A 50 0.41 -13.80 38.46
C LYS A 50 1.68 -13.36 39.19
N GLU A 51 2.43 -14.33 39.72
CA GLU A 51 3.70 -14.02 40.36
C GLU A 51 4.66 -13.32 39.38
N TYR A 52 4.74 -13.82 38.15
CA TYR A 52 5.62 -13.19 37.16
C TYR A 52 5.17 -11.78 36.87
N ALA A 53 3.85 -11.59 36.67
CA ALA A 53 3.31 -10.25 36.44
C ALA A 53 3.70 -9.27 37.55
N LYS A 54 3.87 -9.75 38.78
CA LYS A 54 4.28 -8.83 39.86
C LYS A 54 5.58 -8.07 39.55
N LEU A 55 6.44 -8.57 38.65
CA LEU A 55 7.68 -7.88 38.36
C LEU A 55 7.45 -6.52 37.75
N ALA A 56 6.33 -6.33 37.06
CA ALA A 56 6.13 -5.07 36.34
C ALA A 56 6.16 -3.86 37.27
N GLY A 57 5.70 -4.05 38.52
CA GLY A 57 5.80 -3.04 39.55
C GLY A 57 7.21 -2.59 39.87
N GLY A 58 8.24 -3.35 39.49
CA GLY A 58 9.60 -2.95 39.74
C GLY A 58 10.41 -2.64 38.49
N PHE A 59 9.72 -2.47 37.37
CA PHE A 59 10.38 -2.23 36.10
C PHE A 59 10.50 -0.72 35.86
N TYR A 60 11.75 -0.25 35.73
CA TYR A 60 12.08 1.15 35.52
C TYR A 60 13.45 1.28 34.86
N PRO A 61 13.53 1.09 33.56
CA PRO A 61 14.83 1.26 32.88
C PRO A 61 15.28 2.72 32.78
N SER A 62 15.81 3.26 33.88
CA SER A 62 15.96 4.71 34.02
C SER A 62 16.79 5.33 32.91
N LYS A 63 17.79 4.61 32.41
CA LYS A 63 18.74 5.14 31.45
C LYS A 63 18.29 4.96 30.00
N PHE A 64 17.07 4.46 29.78
CA PHE A 64 16.55 4.32 28.43
C PHE A 64 16.56 5.65 27.71
N ASP A 65 16.95 5.62 26.44
CA ASP A 65 17.06 6.83 25.61
C ASP A 65 16.94 6.37 24.16
N ALA A 66 15.72 6.45 23.61
CA ALA A 66 15.47 5.89 22.29
C ALA A 66 16.40 6.49 21.25
N ASP A 67 16.71 7.78 21.40
CA ASP A 67 17.63 8.46 20.52
C ASP A 67 19.02 7.82 20.58
N LYS A 68 19.54 7.61 21.79
CA LYS A 68 20.81 6.91 21.93
C LYS A 68 20.77 5.57 21.21
N TRP A 69 19.71 4.79 21.43
CA TRP A 69 19.64 3.46 20.82
C TRP A 69 19.73 3.56 19.30
N VAL A 70 18.89 4.42 18.71
CA VAL A 70 18.79 4.47 17.26
C VAL A 70 20.04 5.09 16.64
N ALA A 71 20.70 6.00 17.36
CA ALA A 71 21.97 6.51 16.83
C ALA A 71 23.04 5.43 16.86
N ALA A 72 23.12 4.67 17.96
CA ALA A 72 24.07 3.57 18.02
C ALA A 72 23.81 2.58 16.89
N ILE A 73 22.54 2.29 16.62
CA ILE A 73 22.20 1.31 15.60
C ILE A 73 22.49 1.84 14.20
N LYS A 74 22.18 3.11 13.94
CA LYS A 74 22.48 3.70 12.64
C LYS A 74 23.98 3.77 12.38
N ALA A 75 24.78 3.96 13.44
CA ALA A 75 26.23 4.02 13.24
C ALA A 75 26.80 2.68 12.81
N SER A 76 26.00 1.62 12.83
CA SER A 76 26.44 0.31 12.36
C SER A 76 26.26 0.14 10.86
N GLY A 77 25.49 1.03 10.21
CA GLY A 77 25.08 0.83 8.85
C GLY A 77 23.75 0.13 8.68
N ALA A 78 23.16 -0.40 9.76
CA ALA A 78 21.83 -1.01 9.70
C ALA A 78 20.77 0.02 9.27
N LYS A 79 19.79 -0.46 8.53
CA LYS A 79 18.80 0.43 7.95
C LYS A 79 17.43 0.31 8.61
N TYR A 80 17.21 -0.72 9.42
CA TYR A 80 15.93 -0.89 10.10
C TYR A 80 16.15 -1.59 11.43
N ILE A 81 15.15 -1.45 12.31
CA ILE A 81 15.10 -2.08 13.62
C ILE A 81 13.85 -2.93 13.67
N CYS A 82 13.95 -4.14 14.25
CA CYS A 82 12.79 -4.98 14.53
C CYS A 82 12.67 -5.15 16.04
N PHE A 83 11.63 -4.54 16.63
CA PHE A 83 11.50 -4.47 18.08
C PHE A 83 10.34 -5.32 18.59
N THR A 84 10.58 -6.05 19.69
CA THR A 84 9.56 -6.94 20.25
C THR A 84 8.47 -6.13 20.94
N THR A 85 7.33 -5.89 20.26
CA THR A 85 6.26 -5.14 20.90
C THR A 85 5.60 -5.95 22.02
N ARG A 86 5.59 -7.28 21.88
CA ARG A 86 4.99 -8.19 22.86
C ARG A 86 5.50 -9.59 22.56
N HIS A 87 6.18 -10.22 23.51
CA HIS A 87 6.77 -11.53 23.25
C HIS A 87 5.89 -12.59 23.91
N HIS A 88 6.42 -13.80 24.08
CA HIS A 88 5.63 -14.91 24.61
C HIS A 88 5.16 -14.64 26.03
N GLU A 89 5.94 -13.89 26.81
CA GLU A 89 5.53 -13.53 28.17
C GLU A 89 4.19 -12.78 28.20
N GLY A 90 3.79 -12.13 27.10
CA GLY A 90 2.48 -11.50 27.05
C GLY A 90 2.43 -10.06 27.54
N PHE A 91 3.59 -9.45 27.81
CA PHE A 91 3.67 -8.09 28.28
C PHE A 91 3.78 -7.15 27.09
N SER A 92 2.97 -6.11 27.07
CA SER A 92 2.93 -5.20 25.94
C SER A 92 3.84 -4.00 26.25
N MET A 93 4.86 -3.80 25.41
CA MET A 93 5.80 -2.69 25.55
C MET A 93 5.26 -1.38 24.99
N PHE A 94 3.95 -1.31 24.70
CA PHE A 94 3.32 -0.12 24.17
C PHE A 94 2.04 0.15 24.96
N ASP A 95 1.50 1.36 24.81
CA ASP A 95 0.30 1.75 25.56
C ASP A 95 -0.91 1.21 24.82
N THR A 96 -1.30 -0.03 25.12
CA THR A 96 -2.51 -0.57 24.54
C THR A 96 -3.69 -0.31 25.45
N LYS A 97 -4.87 -0.22 24.85
CA LYS A 97 -6.09 -0.08 25.63
C LYS A 97 -6.85 -1.39 25.72
N TYR A 98 -6.26 -2.50 25.26
CA TYR A 98 -6.88 -3.81 25.38
C TYR A 98 -6.22 -4.69 26.42
N SER A 99 -5.33 -4.12 27.25
CA SER A 99 -4.77 -4.82 28.40
C SER A 99 -4.05 -3.85 29.31
N ASP A 100 -4.32 -3.90 30.60
CA ASP A 100 -3.56 -3.12 31.57
C ASP A 100 -2.19 -3.72 31.85
N TYR A 101 -1.88 -4.86 31.25
CA TYR A 101 -0.57 -5.52 31.44
C TYR A 101 0.42 -5.00 30.39
N ASN A 102 0.82 -3.74 30.58
CA ASN A 102 1.64 -3.03 29.60
C ASN A 102 2.51 -2.01 30.31
N ILE A 103 3.52 -1.51 29.58
CA ILE A 103 4.58 -0.71 30.18
C ILE A 103 4.06 0.61 30.76
N VAL A 104 3.02 1.20 30.15
CA VAL A 104 2.48 2.45 30.68
C VAL A 104 1.68 2.21 31.95
N LYS A 105 0.69 1.31 31.91
CA LYS A 105 -0.21 1.15 33.06
C LYS A 105 0.48 0.44 34.21
N ALA A 106 1.22 -0.63 33.93
CA ALA A 106 1.57 -1.62 34.93
C ALA A 106 2.90 -1.38 35.63
N THR A 107 3.75 -0.50 35.11
CA THR A 107 5.09 -0.24 35.62
C THR A 107 5.21 1.20 36.10
N PRO A 108 6.13 1.48 37.02
CA PRO A 108 6.39 2.89 37.39
C PRO A 108 7.02 3.71 36.26
N PHE A 109 7.55 3.06 35.22
CA PHE A 109 8.16 3.80 34.11
C PHE A 109 7.12 4.68 33.41
N LYS A 110 5.91 4.15 33.20
CA LYS A 110 4.77 4.90 32.64
C LYS A 110 5.10 5.54 31.30
N ARG A 111 5.90 4.90 30.46
CA ARG A 111 6.30 5.52 29.21
C ARG A 111 6.15 4.54 28.06
N ASP A 112 5.39 4.92 27.04
CA ASP A 112 5.23 4.11 25.82
C ASP A 112 6.54 3.96 25.06
N VAL A 113 7.30 2.93 25.42
CA VAL A 113 8.62 2.71 24.84
C VAL A 113 8.52 2.64 23.31
N VAL A 114 7.49 1.97 22.79
CA VAL A 114 7.34 1.82 21.35
C VAL A 114 7.19 3.18 20.67
N LYS A 115 6.41 4.08 21.26
CA LYS A 115 6.27 5.40 20.62
C LYS A 115 7.61 6.14 20.59
N GLU A 116 8.38 6.07 21.68
CA GLU A 116 9.66 6.78 21.69
C GLU A 116 10.58 6.22 20.63
N LEU A 117 10.58 4.90 20.50
CA LEU A 117 11.37 4.26 19.46
C LEU A 117 10.94 4.72 18.07
N ALA A 118 9.62 4.79 17.83
CA ALA A 118 9.14 5.11 16.50
C ALA A 118 9.50 6.54 16.13
N ASP A 119 9.39 7.45 17.11
CA ASP A 119 9.82 8.84 16.91
C ASP A 119 11.30 8.91 16.58
N ALA A 120 12.14 8.22 17.35
CA ALA A 120 13.57 8.28 17.09
C ALA A 120 13.91 7.68 15.73
N CYS A 121 13.25 6.58 15.38
CA CYS A 121 13.49 5.94 14.09
C CYS A 121 13.14 6.88 12.95
N ALA A 122 11.97 7.52 13.05
CA ALA A 122 11.58 8.55 12.08
C ALA A 122 12.60 9.68 11.99
N LYS A 123 13.14 10.10 13.13
CA LYS A 123 14.09 11.21 13.13
C LYS A 123 15.40 10.81 12.45
N HIS A 124 15.84 9.57 12.62
CA HIS A 124 17.09 9.13 12.00
C HIS A 124 16.89 8.44 10.65
N GLY A 125 15.66 8.40 10.13
CA GLY A 125 15.41 7.72 8.86
C GLY A 125 15.76 6.25 8.92
N ILE A 126 15.31 5.57 9.96
CA ILE A 126 15.49 4.13 10.15
C ILE A 126 14.12 3.49 10.15
N LYS A 127 13.91 2.51 9.28
CA LYS A 127 12.60 1.87 9.24
C LYS A 127 12.38 1.02 10.48
N LEU A 128 11.12 0.85 10.86
CA LEU A 128 10.76 0.22 12.11
C LEU A 128 9.78 -0.92 11.85
N HIS A 129 10.19 -2.13 12.25
CA HIS A 129 9.41 -3.37 12.18
C HIS A 129 9.05 -3.80 13.58
N PHE A 130 7.91 -4.49 13.70
CA PHE A 130 7.33 -4.89 14.97
C PHE A 130 7.27 -6.41 15.06
N TYR A 131 7.92 -6.98 16.08
CA TYR A 131 7.75 -8.39 16.42
C TYR A 131 6.45 -8.55 17.21
N TYR A 132 5.59 -9.51 16.82
CA TYR A 132 4.36 -9.78 17.57
C TYR A 132 4.16 -11.29 17.76
N SER A 133 3.87 -11.68 19.00
CA SER A 133 3.84 -13.08 19.39
C SER A 133 2.43 -13.62 19.19
N HIS A 134 2.33 -14.72 18.44
CA HIS A 134 1.06 -15.39 18.28
C HIS A 134 0.68 -16.20 19.52
N ILE A 135 1.62 -16.48 20.42
CA ILE A 135 1.32 -17.25 21.63
C ILE A 135 1.50 -16.35 22.83
N ASP A 136 0.96 -16.81 23.95
CA ASP A 136 0.83 -15.97 25.13
C ASP A 136 0.78 -16.87 26.36
N TRP A 137 1.67 -16.61 27.31
CA TRP A 137 1.80 -17.44 28.49
C TRP A 137 1.10 -16.84 29.70
N TYR A 138 0.53 -15.65 29.53
CA TYR A 138 -0.09 -14.87 30.60
C TYR A 138 -1.61 -14.82 30.50
N ARG A 139 -2.14 -14.48 29.33
CA ARG A 139 -3.58 -14.29 29.20
C ARG A 139 -4.31 -15.61 29.41
N GLU A 140 -5.47 -15.54 30.07
CA GLU A 140 -6.19 -16.77 30.35
C GLU A 140 -7.00 -17.26 29.16
N ASP A 141 -7.17 -16.44 28.12
CA ASP A 141 -7.90 -16.87 26.94
C ASP A 141 -6.98 -17.37 25.83
N ALA A 142 -5.66 -17.38 26.06
CA ALA A 142 -4.71 -17.90 25.08
C ALA A 142 -4.71 -19.43 25.12
N PRO A 143 -4.85 -20.09 23.98
CA PRO A 143 -4.78 -21.55 23.99
C PRO A 143 -3.34 -21.99 24.19
N GLN A 144 -3.17 -23.14 24.84
CA GLN A 144 -1.86 -23.69 25.14
C GLN A 144 -1.50 -24.77 24.14
N GLY A 145 -0.40 -24.57 23.42
CA GLY A 145 0.24 -25.62 22.64
C GLY A 145 1.30 -26.36 23.45
N ARG A 146 2.54 -26.39 22.96
CA ARG A 146 3.60 -27.09 23.68
C ARG A 146 4.17 -26.28 24.84
N THR A 147 4.26 -24.97 24.69
CA THR A 147 4.82 -24.16 25.77
C THR A 147 3.72 -23.67 26.72
N GLY A 148 4.16 -23.06 27.82
CA GLY A 148 3.28 -22.41 28.76
C GLY A 148 2.27 -23.32 29.43
N ARG A 149 2.56 -24.61 29.53
CA ARG A 149 1.59 -25.55 30.08
C ARG A 149 1.66 -25.63 31.61
N ARG A 150 2.56 -24.91 32.26
CA ARG A 150 2.75 -25.02 33.71
C ARG A 150 2.89 -23.65 34.36
N THR A 151 2.21 -22.63 33.82
CA THR A 151 2.22 -21.33 34.46
C THR A 151 1.02 -21.10 35.37
N GLY A 152 0.27 -22.14 35.70
CA GLY A 152 -0.81 -22.05 36.67
C GLY A 152 -2.14 -21.57 36.13
N ARG A 153 -2.24 -21.28 34.84
CA ARG A 153 -3.48 -20.76 34.28
C ARG A 153 -4.59 -21.82 34.38
N PRO A 154 -5.87 -21.38 34.39
CA PRO A 154 -6.98 -22.33 34.62
C PRO A 154 -7.51 -23.04 33.37
N ASN A 155 -7.56 -22.39 32.21
CA ASN A 155 -8.17 -22.98 31.01
C ASN A 155 -7.11 -23.29 29.95
N PRO A 156 -6.55 -24.50 29.93
CA PRO A 156 -5.56 -24.83 28.89
C PRO A 156 -6.07 -24.60 27.47
N LYS A 157 -7.34 -24.90 27.20
CA LYS A 157 -7.85 -24.72 25.85
C LYS A 157 -8.02 -23.25 25.47
N GLY A 158 -8.14 -22.34 26.45
CA GLY A 158 -8.29 -20.92 26.16
C GLY A 158 -9.64 -20.60 25.52
N ASP A 159 -9.75 -19.35 25.03
CA ASP A 159 -10.95 -18.89 24.33
C ASP A 159 -10.51 -18.26 23.01
N TRP A 160 -10.29 -19.13 22.01
CA TRP A 160 -9.59 -18.70 20.80
C TRP A 160 -10.25 -17.48 20.17
N LYS A 161 -11.58 -17.37 20.25
CA LYS A 161 -12.27 -16.21 19.68
C LYS A 161 -11.89 -14.92 20.42
N SER A 162 -11.95 -14.96 21.75
CA SER A 162 -11.50 -13.82 22.56
C SER A 162 -10.05 -13.44 22.25
N TYR A 163 -9.14 -14.41 22.32
CA TYR A 163 -7.72 -14.12 22.13
C TYR A 163 -7.42 -13.63 20.71
N TYR A 164 -8.13 -14.18 19.72
CA TYR A 164 -7.90 -13.77 18.34
C TYR A 164 -8.35 -12.33 18.13
N GLN A 165 -9.53 -11.99 18.66
CA GLN A 165 -9.98 -10.60 18.64
C GLN A 165 -8.99 -9.69 19.35
N PHE A 166 -8.40 -10.15 20.47
CA PHE A 166 -7.43 -9.32 21.19
C PHE A 166 -6.18 -9.04 20.35
N MET A 167 -5.65 -10.07 19.66
CA MET A 167 -4.50 -9.82 18.78
C MET A 167 -4.87 -8.86 17.65
N ASN A 168 -6.04 -9.06 17.02
CA ASN A 168 -6.39 -8.20 15.89
C ASN A 168 -6.59 -6.75 16.33
N ASN A 169 -7.09 -6.54 17.54
CA ASN A 169 -7.23 -5.18 18.04
C ASN A 169 -5.88 -4.57 18.38
N GLN A 170 -4.97 -5.35 18.96
CA GLN A 170 -3.63 -4.82 19.24
C GLN A 170 -2.88 -4.51 17.94
N LEU A 171 -3.02 -5.35 16.93
CA LEU A 171 -2.35 -5.08 15.66
C LEU A 171 -2.91 -3.82 15.03
N THR A 172 -4.23 -3.61 15.14
CA THR A 172 -4.81 -2.36 14.69
C THR A 172 -4.18 -1.16 15.40
N GLU A 173 -4.01 -1.27 16.73
CA GLU A 173 -3.30 -0.22 17.47
C GLU A 173 -1.91 0.05 16.88
N LEU A 174 -1.11 -1.01 16.73
CA LEU A 174 0.27 -0.86 16.29
C LEU A 174 0.37 -0.26 14.89
N LEU A 175 -0.60 -0.58 14.03
CA LEU A 175 -0.58 -0.09 12.67
C LEU A 175 -1.22 1.28 12.52
N THR A 176 -2.03 1.75 13.48
CA THR A 176 -2.60 3.09 13.37
C THR A 176 -1.87 4.18 14.16
N ASN A 177 -1.22 3.85 15.29
CA ASN A 177 -0.76 4.85 16.23
C ASN A 177 0.72 5.23 16.12
N TYR A 178 1.51 4.50 15.32
CA TYR A 178 2.95 4.74 15.36
C TYR A 178 3.51 4.97 13.95
N GLY A 179 2.78 5.74 13.15
CA GLY A 179 3.22 6.08 11.83
C GLY A 179 3.48 4.85 10.97
N PRO A 180 4.31 5.01 9.94
CA PRO A 180 4.50 3.92 8.98
C PRO A 180 5.41 2.85 9.56
N ILE A 181 5.01 1.61 9.31
CA ILE A 181 5.62 0.44 9.91
C ILE A 181 6.16 -0.42 8.77
N GLY A 182 7.47 -0.69 8.82
CA GLY A 182 8.09 -1.49 7.76
C GLY A 182 7.48 -2.88 7.63
N ALA A 183 7.31 -3.58 8.75
CA ALA A 183 6.87 -4.97 8.68
C ALA A 183 6.28 -5.41 10.02
N ILE A 184 5.39 -6.40 9.94
CA ILE A 184 4.93 -7.16 11.09
C ILE A 184 5.59 -8.53 11.00
N TRP A 185 6.27 -8.92 12.09
CA TRP A 185 7.07 -10.14 12.21
C TRP A 185 6.35 -11.07 13.20
N PHE A 186 5.56 -12.02 12.70
CA PHE A 186 4.79 -12.88 13.58
C PHE A 186 5.64 -14.05 14.05
N ASP A 187 5.39 -14.50 15.28
CA ASP A 187 6.12 -15.67 15.77
C ASP A 187 5.26 -16.46 16.75
N GLY A 188 5.48 -17.78 16.79
CA GLY A 188 4.74 -18.65 17.68
C GLY A 188 4.04 -19.83 17.02
N TRP A 189 3.93 -19.79 15.69
CA TRP A 189 3.17 -20.80 14.94
C TRP A 189 3.56 -22.20 15.36
N TRP A 190 4.88 -22.44 15.49
CA TRP A 190 5.40 -23.75 15.86
C TRP A 190 4.83 -24.25 17.20
N ASP A 191 4.27 -23.36 18.04
CA ASP A 191 3.68 -23.79 19.30
C ASP A 191 2.48 -24.70 19.10
N GLN A 192 1.80 -24.63 17.95
CA GLN A 192 0.62 -25.46 17.74
C GLN A 192 0.88 -26.56 16.73
N ASP A 193 2.14 -26.78 16.35
CA ASP A 193 2.42 -27.79 15.32
C ASP A 193 2.02 -29.18 15.79
N ILE A 194 1.97 -29.41 17.10
CA ILE A 194 1.48 -30.68 17.62
C ILE A 194 0.03 -30.90 17.25
N ASN A 195 -0.70 -29.83 16.93
CA ASN A 195 -2.10 -29.87 16.53
C ASN A 195 -2.23 -29.45 15.07
N PRO A 196 -2.10 -30.38 14.12
CA PRO A 196 -2.03 -30.00 12.70
C PRO A 196 -3.28 -29.33 12.18
N ASP A 197 -4.37 -29.39 12.93
CA ASP A 197 -5.64 -28.80 12.52
C ASP A 197 -5.86 -27.42 13.13
N PHE A 198 -4.92 -26.94 13.93
CA PHE A 198 -5.08 -25.64 14.55
C PHE A 198 -5.25 -24.56 13.48
N ASP A 199 -6.38 -23.86 13.54
CA ASP A 199 -6.67 -22.82 12.55
C ASP A 199 -6.18 -21.48 13.10
N TRP A 200 -5.11 -20.96 12.52
CA TRP A 200 -4.62 -19.68 13.03
C TRP A 200 -5.35 -18.50 12.42
N GLU A 201 -6.22 -18.75 11.43
CA GLU A 201 -7.00 -17.70 10.78
C GLU A 201 -6.10 -16.62 10.20
N LEU A 202 -5.04 -17.04 9.54
CA LEU A 202 -4.03 -16.11 9.04
C LEU A 202 -4.50 -15.29 7.83
N PRO A 203 -5.30 -15.83 6.90
CA PRO A 203 -5.77 -14.98 5.79
C PRO A 203 -6.44 -13.69 6.25
N GLU A 204 -7.28 -13.76 7.28
CA GLU A 204 -7.99 -12.58 7.75
C GLU A 204 -7.04 -11.58 8.41
N GLN A 205 -6.06 -12.09 9.19
CA GLN A 205 -5.15 -11.22 9.91
C GLN A 205 -4.20 -10.50 8.96
N TYR A 206 -3.64 -11.24 8.00
CA TYR A 206 -2.80 -10.65 6.98
C TYR A 206 -3.59 -9.63 6.14
N ALA A 207 -4.85 -9.96 5.82
CA ALA A 207 -5.70 -9.02 5.12
C ALA A 207 -5.87 -7.73 5.93
N LEU A 208 -6.08 -7.84 7.24
CA LEU A 208 -6.17 -6.67 8.10
C LEU A 208 -4.91 -5.80 8.01
N ILE A 209 -3.74 -6.44 8.11
CA ILE A 209 -2.49 -5.71 8.10
C ILE A 209 -2.32 -4.97 6.77
N HIS A 210 -2.55 -5.69 5.66
CA HIS A 210 -2.42 -5.08 4.35
C HIS A 210 -3.51 -4.05 4.07
N ARG A 211 -4.63 -4.13 4.78
CA ARG A 211 -5.69 -3.16 4.59
C ARG A 211 -5.39 -1.85 5.30
N LEU A 212 -4.72 -1.90 6.45
CA LEU A 212 -4.36 -0.64 7.10
C LEU A 212 -3.12 -0.02 6.46
N GLN A 213 -2.09 -0.80 6.17
CA GLN A 213 -0.87 -0.31 5.54
C GLN A 213 -0.44 -1.27 4.45
N PRO A 214 -0.77 -0.98 3.19
CA PRO A 214 -0.53 -1.97 2.11
C PRO A 214 0.93 -2.19 1.78
N ALA A 215 1.86 -1.33 2.22
CA ALA A 215 3.29 -1.58 2.01
C ALA A 215 3.97 -2.24 3.21
N CYS A 216 3.26 -2.43 4.32
CA CYS A 216 3.79 -3.19 5.44
C CYS A 216 4.00 -4.63 5.00
N LEU A 217 5.23 -5.13 5.13
CA LEU A 217 5.53 -6.52 4.81
C LEU A 217 5.10 -7.42 5.96
N VAL A 218 4.70 -8.64 5.61
CA VAL A 218 4.24 -9.61 6.59
C VAL A 218 5.18 -10.81 6.54
N GLY A 219 5.78 -11.14 7.70
CA GLY A 219 6.53 -12.36 7.84
C GLY A 219 5.98 -13.23 8.97
N ASN A 220 6.25 -14.53 8.92
CA ASN A 220 5.85 -15.45 9.98
C ASN A 220 6.95 -16.47 10.19
N ASN A 221 7.56 -16.46 11.39
CA ASN A 221 8.66 -17.39 11.73
C ASN A 221 8.10 -18.78 12.06
N HIS A 222 7.53 -19.42 11.04
CA HIS A 222 6.89 -20.72 11.17
C HIS A 222 7.77 -21.85 10.68
N HIS A 223 8.94 -21.56 10.10
CA HIS A 223 9.86 -22.59 9.63
C HIS A 223 9.23 -23.47 8.55
N GLN A 224 8.24 -22.94 7.85
CA GLN A 224 7.56 -23.68 6.79
C GLN A 224 7.71 -22.94 5.47
N THR A 225 7.29 -23.60 4.41
CA THR A 225 7.13 -22.91 3.14
C THR A 225 6.07 -21.82 3.34
N PRO A 226 6.35 -20.58 2.90
CA PRO A 226 5.49 -19.45 3.31
C PRO A 226 4.02 -19.62 2.90
N PHE A 227 3.15 -19.05 3.72
CA PHE A 227 1.70 -19.07 3.55
C PHE A 227 1.23 -17.86 2.77
N ALA A 228 0.17 -18.07 1.98
CA ALA A 228 -0.34 -17.03 1.09
C ALA A 228 -0.73 -15.79 1.89
N GLY A 229 -0.24 -14.63 1.47
CA GLY A 229 -0.38 -13.40 2.24
C GLY A 229 0.88 -12.95 2.94
N GLU A 230 1.92 -13.78 2.97
CA GLU A 230 3.20 -13.37 3.54
C GLU A 230 4.07 -12.73 2.47
N ASP A 231 4.89 -11.77 2.89
CA ASP A 231 5.68 -10.96 1.98
C ASP A 231 7.18 -11.23 2.09
N ILE A 232 7.63 -11.90 3.15
CA ILE A 232 9.03 -12.22 3.36
C ILE A 232 9.15 -13.55 4.07
N GLN A 233 10.24 -14.26 3.82
CA GLN A 233 10.52 -15.56 4.40
C GLN A 233 11.62 -15.41 5.45
N ILE A 234 11.44 -16.06 6.59
CA ILE A 234 12.33 -15.94 7.74
C ILE A 234 13.10 -17.25 7.89
N PHE A 235 14.42 -17.15 8.01
CA PHE A 235 15.27 -18.26 8.39
C PHE A 235 15.92 -17.92 9.74
N GLU A 236 15.73 -18.82 10.71
CA GLU A 236 16.12 -18.56 12.09
C GLU A 236 17.47 -19.22 12.37
N ARG A 237 18.48 -18.39 12.67
CA ARG A 237 19.82 -18.85 13.04
C ARG A 237 20.46 -19.70 11.96
N ASP A 238 19.97 -19.58 10.72
CA ASP A 238 20.57 -20.28 9.60
C ASP A 238 20.34 -19.47 8.35
N LEU A 239 21.17 -19.72 7.34
CA LEU A 239 21.08 -19.18 5.99
C LEU A 239 20.17 -20.07 5.15
N PRO A 240 19.49 -19.50 4.15
CA PRO A 240 18.54 -20.30 3.35
C PRO A 240 19.19 -21.55 2.78
N GLY A 241 18.47 -22.66 2.85
CA GLY A 241 19.03 -23.93 2.43
C GLY A 241 20.05 -24.54 3.37
N GLU A 242 20.31 -23.92 4.52
CA GLU A 242 21.20 -24.46 5.53
C GLU A 242 20.41 -24.77 6.81
N ASN A 243 20.93 -25.70 7.60
CA ASN A 243 20.20 -26.17 8.78
C ASN A 243 21.18 -26.61 9.87
N THR A 244 22.20 -25.79 10.14
CA THR A 244 23.20 -26.15 11.18
C THR A 244 22.66 -25.97 12.59
N ALA A 245 21.73 -25.03 12.81
CA ALA A 245 21.09 -24.81 14.10
C ALA A 245 19.89 -25.72 14.33
N GLY A 246 19.44 -26.46 13.31
CA GLY A 246 18.33 -27.39 13.44
C GLY A 246 16.94 -26.80 13.38
N LEU A 247 16.79 -25.56 12.91
CA LEU A 247 15.48 -24.93 12.86
C LEU A 247 15.01 -24.61 11.44
N SER A 248 15.80 -24.91 10.38
CA SER A 248 15.51 -24.42 9.02
C SER A 248 15.71 -25.50 7.95
N GLY A 249 14.80 -26.47 7.92
CA GLY A 249 14.78 -27.43 6.84
C GLY A 249 13.85 -27.10 5.69
N GLN A 250 13.17 -25.95 5.74
CA GLN A 250 12.18 -25.59 4.73
C GLN A 250 12.86 -25.10 3.46
N SER A 251 12.17 -25.27 2.34
CA SER A 251 12.69 -24.87 1.05
C SER A 251 12.73 -23.35 0.93
N VAL A 252 13.49 -22.87 -0.04
CA VAL A 252 13.66 -21.44 -0.28
C VAL A 252 12.67 -21.00 -1.35
N SER A 253 11.87 -19.97 -1.03
CA SER A 253 10.83 -19.46 -1.91
C SER A 253 11.34 -18.28 -2.72
N HIS A 254 10.43 -17.65 -3.47
CA HIS A 254 10.70 -16.52 -4.34
C HIS A 254 10.34 -15.20 -3.68
N LEU A 255 10.11 -15.20 -2.38
CA LEU A 255 9.88 -14.10 -1.47
C LEU A 255 11.20 -13.53 -0.98
N PRO A 256 11.23 -12.29 -0.50
CA PRO A 256 12.47 -11.75 0.07
C PRO A 256 12.87 -12.53 1.32
N LEU A 257 14.13 -12.96 1.35
CA LEU A 257 14.65 -13.80 2.44
C LEU A 257 15.32 -12.95 3.51
N GLU A 258 15.16 -13.36 4.77
CA GLU A 258 15.83 -12.72 5.91
C GLU A 258 16.27 -13.74 6.95
N THR A 259 17.53 -13.65 7.38
CA THR A 259 18.10 -14.50 8.43
C THR A 259 18.21 -13.71 9.73
N CYS A 260 17.84 -14.34 10.84
CA CYS A 260 18.05 -13.71 12.14
C CYS A 260 19.07 -14.50 12.94
N GLU A 261 19.73 -13.79 13.86
CA GLU A 261 20.88 -14.30 14.58
C GLU A 261 21.11 -13.40 15.80
N THR A 262 21.73 -13.97 16.85
CA THR A 262 22.08 -13.23 18.06
C THR A 262 23.54 -12.83 18.01
N MET A 263 23.88 -11.77 18.75
CA MET A 263 25.26 -11.28 18.80
C MET A 263 26.09 -12.02 19.85
N ASN A 264 25.47 -12.30 21.01
CA ASN A 264 25.93 -13.36 21.91
C ASN A 264 25.12 -14.62 21.62
N GLY A 265 24.69 -15.34 22.65
CA GLY A 265 23.95 -16.55 22.41
C GLY A 265 22.46 -16.51 22.70
N MET A 266 21.92 -15.39 23.19
CA MET A 266 20.51 -15.34 23.53
C MET A 266 19.85 -14.10 22.94
N TRP A 267 18.52 -14.14 22.86
CA TRP A 267 17.76 -13.03 22.31
C TRP A 267 17.55 -11.96 23.38
N GLY A 268 16.86 -12.31 24.46
CA GLY A 268 16.77 -11.40 25.59
C GLY A 268 18.09 -11.26 26.33
N TYR A 269 18.19 -10.15 27.07
CA TYR A 269 19.39 -9.88 27.85
C TYR A 269 19.64 -11.01 28.85
N LYS A 270 20.89 -11.49 28.88
CA LYS A 270 21.34 -12.61 29.72
C LYS A 270 22.59 -12.15 30.45
N ILE A 271 22.56 -12.13 31.79
CA ILE A 271 23.71 -11.60 32.53
C ILE A 271 24.89 -12.58 32.60
N THR A 272 24.66 -13.90 32.50
CA THR A 272 25.78 -14.83 32.44
C THR A 272 26.45 -14.85 31.06
N ASP A 273 25.78 -14.33 30.02
CA ASP A 273 26.22 -14.49 28.63
C ASP A 273 26.81 -13.18 28.12
N GLN A 274 28.13 -13.04 28.28
CA GLN A 274 28.89 -11.91 27.75
C GLN A 274 29.88 -12.37 26.69
N ASN A 275 29.49 -13.36 25.90
CA ASN A 275 30.35 -13.89 24.86
C ASN A 275 29.88 -13.34 23.53
N TYR A 276 30.27 -12.10 23.23
CA TYR A 276 29.86 -11.43 22.01
C TYR A 276 30.77 -11.83 20.86
N LYS A 277 30.18 -12.23 19.73
CA LYS A 277 30.95 -12.51 18.52
C LYS A 277 31.84 -11.31 18.16
N SER A 278 33.01 -11.61 17.60
CA SER A 278 33.91 -10.56 17.11
C SER A 278 33.28 -9.78 15.95
N THR A 279 33.82 -8.56 15.76
CA THR A 279 33.46 -7.76 14.60
C THR A 279 33.65 -8.54 13.30
N LYS A 280 34.71 -9.35 13.23
CA LYS A 280 34.97 -10.06 11.97
C LYS A 280 33.91 -11.11 11.70
N THR A 281 33.56 -11.90 12.73
CA THR A 281 32.45 -12.85 12.60
C THR A 281 31.14 -12.14 12.18
N LEU A 282 30.87 -10.96 12.75
CA LEU A 282 29.63 -10.25 12.41
C LEU A 282 29.61 -9.77 10.96
N ILE A 283 30.69 -9.15 10.50
CA ILE A 283 30.76 -8.76 9.10
C ILE A 283 30.57 -10.00 8.22
N HIS A 284 31.17 -11.12 8.62
CA HIS A 284 31.03 -12.35 7.83
C HIS A 284 29.58 -12.82 7.76
N TYR A 285 28.84 -12.77 8.89
CA TYR A 285 27.42 -13.12 8.84
C TYR A 285 26.68 -12.25 7.83
N LEU A 286 26.94 -10.93 7.87
CA LEU A 286 26.24 -10.02 6.95
C LEU A 286 26.55 -10.36 5.49
N VAL A 287 27.85 -10.54 5.19
CA VAL A 287 28.28 -10.72 3.81
C VAL A 287 27.79 -12.06 3.27
N LYS A 288 27.90 -13.13 4.07
CA LYS A 288 27.43 -14.44 3.66
C LYS A 288 25.93 -14.42 3.38
N ALA A 289 25.18 -13.66 4.19
CA ALA A 289 23.74 -13.50 3.96
C ALA A 289 23.48 -12.82 2.63
N ALA A 290 24.14 -11.67 2.40
CA ALA A 290 23.96 -10.97 1.12
C ALA A 290 24.32 -11.89 -0.04
N GLY A 291 25.40 -12.67 0.12
CA GLY A 291 25.80 -13.59 -0.94
C GLY A 291 24.78 -14.66 -1.22
N LYS A 292 23.99 -15.04 -0.21
CA LYS A 292 22.84 -15.92 -0.39
C LYS A 292 21.53 -15.16 -0.68
N ASP A 293 21.60 -13.89 -1.10
CA ASP A 293 20.41 -13.10 -1.45
C ASP A 293 19.42 -12.98 -0.27
N ALA A 294 19.95 -12.79 0.93
CA ALA A 294 19.13 -12.66 2.13
C ALA A 294 19.59 -11.46 2.95
N ASN A 295 18.64 -10.86 3.69
CA ASN A 295 18.97 -9.82 4.66
C ASN A 295 19.52 -10.46 5.95
N LEU A 296 20.27 -9.68 6.72
CA LEU A 296 20.71 -10.11 8.05
C LEU A 296 20.02 -9.26 9.11
N LEU A 297 19.38 -9.92 10.06
CA LEU A 297 18.76 -9.26 11.20
C LEU A 297 19.51 -9.71 12.46
N MET A 298 20.37 -8.83 13.00
CA MET A 298 21.28 -9.13 14.09
C MET A 298 20.80 -8.53 15.41
N ASN A 299 20.73 -9.37 16.45
CA ASN A 299 20.03 -9.10 17.71
C ASN A 299 20.91 -8.54 18.82
N ILE A 300 20.30 -7.67 19.64
CA ILE A 300 20.82 -7.23 20.93
C ILE A 300 19.67 -7.32 21.93
N GLY A 301 19.94 -7.86 23.12
CA GLY A 301 19.00 -7.81 24.22
C GLY A 301 19.30 -6.69 25.22
N PRO A 302 18.50 -5.62 25.23
CA PRO A 302 18.79 -4.50 26.13
C PRO A 302 18.62 -4.87 27.59
N GLN A 303 19.35 -4.14 28.44
CA GLN A 303 19.44 -4.40 29.86
C GLN A 303 18.22 -3.83 30.60
N PRO A 304 17.99 -4.28 31.83
CA PRO A 304 16.82 -3.80 32.58
C PRO A 304 16.96 -2.37 33.10
N ASP A 305 18.15 -1.75 32.96
CA ASP A 305 18.29 -0.32 33.20
C ASP A 305 18.08 0.52 31.95
N GLY A 306 17.80 -0.11 30.80
CA GLY A 306 17.47 0.61 29.59
C GLY A 306 18.62 0.95 28.66
N GLU A 307 19.84 0.51 28.94
CA GLU A 307 20.96 0.73 28.05
C GLU A 307 21.19 -0.49 27.17
N LEU A 308 21.48 -0.24 25.89
CA LEU A 308 22.03 -1.30 25.06
C LEU A 308 23.37 -1.74 25.64
N PRO A 309 23.68 -3.03 25.65
CA PRO A 309 24.96 -3.48 26.22
C PRO A 309 26.13 -2.81 25.54
N GLU A 310 27.11 -2.44 26.36
CA GLU A 310 28.22 -1.61 25.88
C GLU A 310 29.03 -2.33 24.81
N VAL A 311 29.38 -3.59 25.06
CA VAL A 311 30.15 -4.31 24.05
C VAL A 311 29.36 -4.45 22.75
N ALA A 312 28.04 -4.61 22.85
CA ALA A 312 27.21 -4.68 21.64
C ALA A 312 27.29 -3.39 20.85
N VAL A 313 27.28 -2.25 21.54
CA VAL A 313 27.38 -0.97 20.89
C VAL A 313 28.75 -0.80 20.22
N GLN A 314 29.83 -1.22 20.87
CA GLN A 314 31.14 -1.10 20.22
C GLN A 314 31.25 -2.01 19.00
N ARG A 315 30.70 -3.22 19.07
CA ARG A 315 30.65 -4.07 17.88
C ARG A 315 29.90 -3.38 16.76
N LEU A 316 28.73 -2.79 17.09
CA LEU A 316 27.98 -2.04 16.08
C LEU A 316 28.82 -0.92 15.48
N LYS A 317 29.55 -0.19 16.32
CA LYS A 317 30.36 0.93 15.84
C LYS A 317 31.42 0.44 14.86
N GLU A 318 32.09 -0.67 15.19
CA GLU A 318 33.15 -1.15 14.33
C GLU A 318 32.60 -1.78 13.04
N VAL A 319 31.43 -2.43 13.11
CA VAL A 319 30.80 -2.92 11.90
C VAL A 319 30.44 -1.74 10.98
N GLY A 320 29.98 -0.63 11.56
CA GLY A 320 29.72 0.55 10.76
C GLY A 320 30.98 1.14 10.16
N GLU A 321 32.10 1.10 10.90
CA GLU A 321 33.36 1.54 10.32
C GLU A 321 33.69 0.73 9.08
N TRP A 322 33.43 -0.57 9.11
CA TRP A 322 33.66 -1.39 7.90
C TRP A 322 32.65 -1.07 6.81
N MET A 323 31.40 -0.83 7.21
CA MET A 323 30.33 -0.57 6.24
C MET A 323 30.56 0.72 5.49
N SER A 324 31.04 1.76 6.18
CA SER A 324 31.33 3.02 5.50
C SER A 324 32.26 2.81 4.32
N LYS A 325 33.20 1.86 4.45
CA LYS A 325 34.15 1.60 3.36
C LYS A 325 33.56 0.64 2.32
N TYR A 326 32.77 -0.37 2.75
CA TYR A 326 32.39 -1.44 1.81
C TYR A 326 30.89 -1.55 1.53
N GLY A 327 30.06 -0.61 1.98
CA GLY A 327 28.63 -0.77 1.87
C GLY A 327 28.11 -0.80 0.45
N GLU A 328 28.80 -0.14 -0.47
CA GLU A 328 28.41 -0.20 -1.88
C GLU A 328 28.41 -1.63 -2.40
N THR A 329 29.17 -2.54 -1.79
CA THR A 329 29.17 -3.94 -2.19
C THR A 329 28.04 -4.76 -1.56
N ILE A 330 27.26 -4.18 -0.65
CA ILE A 330 26.20 -4.90 0.04
C ILE A 330 24.84 -4.26 -0.22
N TYR A 331 24.72 -2.96 0.06
CA TYR A 331 23.50 -2.19 -0.19
C TYR A 331 23.03 -2.30 -1.63
N GLY A 332 21.72 -2.55 -1.78
CA GLY A 332 21.10 -2.56 -3.08
C GLY A 332 21.57 -3.65 -4.00
N THR A 333 22.18 -4.70 -3.45
CA THR A 333 22.61 -5.84 -4.26
C THR A 333 21.63 -6.97 -4.13
N ARG A 334 21.82 -7.99 -4.97
CA ARG A 334 21.13 -9.26 -4.83
C ARG A 334 22.17 -10.38 -4.79
N GLY A 335 21.71 -11.58 -4.47
CA GLY A 335 22.61 -12.72 -4.46
C GLY A 335 23.38 -12.84 -5.76
N GLY A 336 24.69 -12.95 -5.67
CA GLY A 336 25.52 -12.87 -6.85
C GLY A 336 25.44 -14.10 -7.74
N LEU A 337 25.83 -13.89 -9.01
CA LEU A 337 25.83 -14.93 -10.04
C LEU A 337 26.65 -16.16 -9.69
N VAL A 338 27.66 -16.05 -8.81
CA VAL A 338 28.47 -17.19 -8.39
C VAL A 338 28.03 -17.61 -6.99
N ALA A 339 27.59 -18.88 -6.84
CA ALA A 339 27.04 -19.37 -5.57
C ALA A 339 28.07 -19.30 -4.44
N PRO A 340 27.61 -19.32 -3.19
CA PRO A 340 28.56 -19.30 -2.06
C PRO A 340 29.54 -20.47 -2.11
N HIS A 341 30.81 -20.16 -1.90
CA HIS A 341 31.89 -21.13 -1.84
C HIS A 341 32.54 -21.03 -0.46
N ASP A 342 33.48 -21.95 -0.22
CA ASP A 342 34.26 -21.90 1.03
C ASP A 342 35.13 -20.66 1.11
N TRP A 343 35.58 -20.12 -0.02
CA TRP A 343 36.42 -18.92 0.04
C TRP A 343 35.64 -17.65 0.31
N GLY A 344 34.31 -17.66 0.19
CA GLY A 344 33.55 -16.44 0.23
C GLY A 344 32.34 -16.53 -0.69
N VAL A 345 31.82 -15.37 -1.05
CA VAL A 345 30.53 -15.28 -1.74
C VAL A 345 30.63 -14.20 -2.82
N THR A 346 29.57 -14.07 -3.62
CA THR A 346 29.48 -12.94 -4.54
C THR A 346 28.13 -12.27 -4.40
N THR A 347 28.12 -10.96 -4.61
CA THR A 347 26.90 -10.17 -4.71
C THR A 347 26.92 -9.44 -6.04
N GLN A 348 25.81 -8.82 -6.41
CA GLN A 348 25.75 -8.19 -7.72
C GLN A 348 24.75 -7.05 -7.73
N LYS A 349 25.01 -6.09 -8.62
CA LYS A 349 24.21 -4.88 -8.72
C LYS A 349 24.55 -4.20 -10.03
N GLY A 350 23.56 -3.99 -10.88
CA GLY A 350 23.86 -3.41 -12.18
C GLY A 350 24.78 -4.33 -12.95
N ASN A 351 25.81 -3.76 -13.56
CA ASN A 351 26.81 -4.52 -14.29
C ASN A 351 28.01 -4.87 -13.43
N LYS A 352 27.85 -4.85 -12.11
CA LYS A 352 28.95 -5.13 -11.20
C LYS A 352 28.67 -6.42 -10.43
N LEU A 353 29.66 -7.31 -10.40
CA LEU A 353 29.65 -8.50 -9.57
C LEU A 353 30.80 -8.41 -8.58
N TYR A 354 30.46 -8.34 -7.30
CA TYR A 354 31.43 -8.19 -6.22
C TYR A 354 31.80 -9.56 -5.70
N VAL A 355 33.10 -9.86 -5.72
CA VAL A 355 33.66 -11.10 -5.20
C VAL A 355 34.18 -10.82 -3.79
N HIS A 356 33.52 -11.39 -2.79
CA HIS A 356 33.90 -11.26 -1.38
C HIS A 356 34.76 -12.45 -1.00
N ILE A 357 36.08 -12.25 -1.03
CA ILE A 357 37.05 -13.27 -0.66
C ILE A 357 37.24 -13.18 0.85
N LEU A 358 36.57 -14.09 1.58
CA LEU A 358 36.57 -14.11 3.03
C LEU A 358 37.59 -15.08 3.62
N ASN A 359 38.01 -16.08 2.85
CA ASN A 359 38.74 -17.20 3.42
C ASN A 359 39.55 -17.96 2.37
N LEU A 360 40.74 -17.45 2.06
CA LEU A 360 41.53 -17.96 0.93
C LEU A 360 43.00 -18.07 1.36
N GLN A 361 43.63 -19.20 1.01
CA GLN A 361 45.06 -19.42 1.31
C GLN A 361 45.97 -19.11 0.14
N ASP A 362 45.43 -18.94 -1.06
CA ASP A 362 46.20 -18.83 -2.28
C ASP A 362 46.29 -17.39 -2.76
N LYS A 363 47.21 -17.16 -3.70
CA LYS A 363 47.34 -15.89 -4.40
C LYS A 363 46.60 -15.89 -5.75
N ALA A 364 45.59 -16.74 -5.89
CA ALA A 364 44.78 -16.80 -7.10
C ALA A 364 43.45 -17.45 -6.76
N LEU A 365 42.44 -17.14 -7.57
CA LEU A 365 41.08 -17.63 -7.33
C LEU A 365 40.41 -17.98 -8.65
N PHE A 366 39.84 -19.17 -8.71
CA PHE A 366 39.09 -19.60 -9.87
C PHE A 366 37.63 -19.24 -9.69
N LEU A 367 37.03 -18.61 -10.69
CA LEU A 367 35.60 -18.33 -10.70
C LEU A 367 34.94 -19.03 -11.88
N PRO A 368 33.87 -19.78 -11.66
CA PRO A 368 33.17 -20.44 -12.79
C PRO A 368 32.16 -19.53 -13.49
N ILE A 369 32.67 -18.56 -14.23
CA ILE A 369 31.87 -17.60 -14.99
C ILE A 369 32.07 -17.91 -16.47
N VAL A 370 31.17 -18.70 -17.03
CA VAL A 370 31.32 -19.21 -18.39
C VAL A 370 30.67 -18.27 -19.41
N ASP A 371 29.34 -18.20 -19.39
CA ASP A 371 28.62 -17.47 -20.43
C ASP A 371 28.96 -15.99 -20.39
N LYS A 372 28.80 -15.36 -19.23
CA LYS A 372 29.08 -13.93 -19.10
C LYS A 372 30.55 -13.64 -19.39
N LYS A 373 30.80 -12.50 -20.03
CA LYS A 373 32.16 -12.06 -20.26
C LYS A 373 32.56 -11.08 -19.16
N VAL A 374 33.75 -11.27 -18.60
CA VAL A 374 34.27 -10.37 -17.59
C VAL A 374 35.07 -9.28 -18.30
N LYS A 375 34.44 -8.11 -18.44
CA LYS A 375 35.08 -6.98 -19.09
C LYS A 375 36.21 -6.40 -18.24
N LYS A 376 36.03 -6.32 -16.91
CA LYS A 376 37.00 -5.64 -16.06
C LYS A 376 37.07 -6.29 -14.68
N ALA A 377 38.24 -6.17 -14.04
CA ALA A 377 38.47 -6.70 -12.70
C ALA A 377 39.42 -5.78 -11.94
N VAL A 378 38.97 -5.20 -10.83
CA VAL A 378 39.82 -4.34 -10.01
C VAL A 378 39.62 -4.71 -8.55
N VAL A 379 40.56 -4.26 -7.70
CA VAL A 379 40.38 -4.32 -6.27
C VAL A 379 39.42 -3.20 -5.86
N PHE A 380 38.33 -3.56 -5.18
CA PHE A 380 37.31 -2.56 -4.87
C PHE A 380 37.86 -1.42 -4.02
N ALA A 381 38.79 -1.72 -3.10
CA ALA A 381 39.19 -0.76 -2.09
C ALA A 381 39.93 0.43 -2.68
N ASP A 382 40.79 0.19 -3.69
CA ASP A 382 41.62 1.25 -4.27
C ASP A 382 41.67 1.26 -5.80
N LYS A 383 41.09 0.26 -6.46
CA LYS A 383 40.84 0.19 -7.90
C LYS A 383 42.07 -0.29 -8.66
N THR A 384 42.96 -1.01 -8.00
CA THR A 384 44.09 -1.56 -8.66
C THR A 384 43.63 -2.74 -9.52
N PRO A 385 44.21 -2.88 -10.71
CA PRO A 385 44.03 -4.05 -11.57
C PRO A 385 44.09 -5.43 -10.90
N VAL A 386 43.20 -6.29 -11.36
CA VAL A 386 43.35 -7.70 -11.10
C VAL A 386 43.49 -8.42 -12.45
N ARG A 387 44.69 -8.92 -12.69
CA ARG A 387 44.93 -9.74 -13.86
C ARG A 387 44.08 -11.00 -13.73
N PHE A 388 43.54 -11.46 -14.86
CA PHE A 388 42.79 -12.70 -14.86
C PHE A 388 42.89 -13.34 -16.23
N THR A 389 42.81 -14.68 -16.24
CA THR A 389 42.84 -15.45 -17.49
C THR A 389 41.58 -16.30 -17.62
N LYS A 390 41.03 -16.31 -18.85
CA LYS A 390 39.93 -17.20 -19.21
C LYS A 390 40.43 -18.65 -19.33
N ASN A 391 39.54 -19.59 -18.98
CA ASN A 391 39.81 -20.99 -19.30
C ASN A 391 38.48 -21.69 -19.60
N LYS A 392 38.57 -23.00 -19.85
CA LYS A 392 37.42 -23.77 -20.28
C LYS A 392 36.24 -23.64 -19.33
N GLU A 393 36.50 -23.52 -18.02
CA GLU A 393 35.47 -23.58 -17.01
C GLU A 393 35.21 -22.25 -16.31
N GLY A 394 35.93 -21.19 -16.66
CA GLY A 394 35.70 -19.89 -16.07
C GLY A 394 36.92 -18.99 -16.23
N ILE A 395 37.17 -18.18 -15.19
CA ILE A 395 38.34 -17.32 -15.16
C ILE A 395 39.17 -17.63 -13.92
N VAL A 396 40.36 -17.06 -13.90
CA VAL A 396 41.26 -17.17 -12.75
C VAL A 396 41.85 -15.80 -12.48
N LEU A 397 41.49 -15.22 -11.34
CA LEU A 397 42.12 -14.00 -10.84
C LEU A 397 43.47 -14.32 -10.25
N GLU A 398 44.46 -13.48 -10.55
CA GLU A 398 45.77 -13.54 -9.94
C GLU A 398 45.90 -12.36 -8.98
N LEU A 399 45.89 -12.66 -7.69
CA LEU A 399 45.92 -11.66 -6.64
C LEU A 399 47.35 -11.22 -6.29
N ALA A 400 47.45 -10.01 -5.73
CA ALA A 400 48.75 -9.49 -5.35
C ALA A 400 49.33 -10.22 -4.15
N LYS A 401 48.47 -10.67 -3.23
CA LYS A 401 48.90 -11.30 -2.00
C LYS A 401 47.82 -12.27 -1.59
N VAL A 402 48.18 -13.22 -0.73
CA VAL A 402 47.18 -14.00 -0.01
C VAL A 402 46.35 -13.02 0.81
N PRO A 403 45.04 -12.99 0.63
CA PRO A 403 44.20 -12.04 1.39
C PRO A 403 44.12 -12.43 2.86
N THR A 404 44.31 -11.45 3.73
CA THR A 404 44.01 -11.62 5.14
C THR A 404 42.98 -10.60 5.64
N ASP A 405 42.41 -9.79 4.76
CA ASP A 405 41.35 -8.89 5.19
C ASP A 405 40.14 -9.64 5.73
N VAL A 406 39.34 -8.93 6.53
CA VAL A 406 38.00 -9.40 6.86
C VAL A 406 37.23 -9.75 5.60
N ASP A 407 37.30 -8.90 4.56
CA ASP A 407 36.66 -9.18 3.28
C ASP A 407 37.49 -8.54 2.18
N TYR A 408 38.20 -9.37 1.41
CA TYR A 408 38.96 -8.87 0.25
C TYR A 408 38.03 -8.84 -0.95
N VAL A 409 37.57 -7.63 -1.31
CA VAL A 409 36.54 -7.46 -2.33
C VAL A 409 37.19 -7.13 -3.65
N VAL A 410 36.90 -7.95 -4.66
CA VAL A 410 37.29 -7.70 -6.05
C VAL A 410 36.03 -7.34 -6.83
N GLU A 411 36.06 -6.20 -7.52
CA GLU A 411 34.94 -5.70 -8.30
C GLU A 411 35.12 -6.14 -9.75
N LEU A 412 34.15 -6.89 -10.28
CA LEU A 412 34.13 -7.28 -11.68
C LEU A 412 33.05 -6.51 -12.43
N THR A 413 33.41 -6.00 -13.60
CA THR A 413 32.47 -5.44 -14.55
C THR A 413 32.21 -6.51 -15.59
N ILE A 414 30.93 -6.88 -15.75
CA ILE A 414 30.51 -7.83 -16.77
C ILE A 414 29.72 -7.08 -17.84
N ASP A 415 29.53 -7.73 -18.99
CA ASP A 415 28.78 -7.16 -20.09
C ASP A 415 27.32 -7.56 -19.94
N ASP A 416 26.41 -6.71 -20.45
CA ASP A 416 24.96 -6.91 -20.32
C ASP A 416 24.52 -7.08 -18.86
N LYS B 4 -14.20 19.64 14.68
CA LYS B 4 -14.05 19.99 13.26
C LYS B 4 -13.21 18.96 12.54
N TYR B 5 -13.34 18.88 11.21
CA TYR B 5 -12.65 17.85 10.45
C TYR B 5 -11.16 18.16 10.29
N GLN B 6 -10.32 17.20 10.65
CA GLN B 6 -8.87 17.30 10.45
C GLN B 6 -8.38 16.09 9.67
N PRO B 7 -8.13 16.23 8.36
CA PRO B 7 -7.66 15.08 7.57
C PRO B 7 -6.28 14.62 8.03
N THR B 8 -6.15 13.29 8.15
CA THR B 8 -4.91 12.65 8.55
C THR B 8 -3.89 12.70 7.42
N GLU B 9 -2.62 12.46 7.78
CA GLU B 9 -1.53 12.54 6.83
C GLU B 9 -1.76 11.63 5.63
N ALA B 10 -2.10 10.36 5.88
CA ALA B 10 -2.41 9.45 4.79
C ALA B 10 -3.50 10.01 3.90
N ASN B 11 -4.47 10.73 4.48
CA ASN B 11 -5.58 11.26 3.68
C ASN B 11 -5.09 12.33 2.71
N LEU B 12 -4.26 13.26 3.19
CA LEU B 12 -3.78 14.29 2.27
C LEU B 12 -2.84 13.70 1.23
N LYS B 13 -2.10 12.65 1.60
CA LYS B 13 -1.31 11.93 0.60
C LYS B 13 -2.21 11.35 -0.47
N ALA B 14 -3.29 10.67 -0.06
CA ALA B 14 -4.25 10.10 -1.00
C ALA B 14 -4.91 11.17 -1.84
N ARG B 15 -5.15 12.35 -1.25
CA ARG B 15 -5.70 13.47 -1.99
C ARG B 15 -4.74 13.91 -3.10
N SER B 16 -3.46 13.98 -2.79
CA SER B 16 -2.52 14.44 -3.81
C SER B 16 -2.28 13.36 -4.87
N GLU B 17 -2.26 12.08 -4.46
CA GLU B 17 -2.20 10.99 -5.44
C GLU B 17 -3.42 11.02 -6.36
N PHE B 18 -4.60 11.29 -5.79
CA PHE B 18 -5.82 11.40 -6.58
C PHE B 18 -5.68 12.52 -7.61
N GLN B 19 -5.32 13.72 -7.17
CA GLN B 19 -5.16 14.80 -8.13
C GLN B 19 -4.12 14.45 -9.19
N ASP B 20 -3.12 13.64 -8.84
CA ASP B 20 -2.11 13.27 -9.81
C ASP B 20 -2.61 12.24 -10.81
N ASN B 21 -3.52 11.35 -10.41
CA ASN B 21 -3.95 10.28 -11.30
C ASN B 21 -4.86 10.79 -12.41
N LYS B 22 -5.65 11.83 -12.16
CA LYS B 22 -6.31 12.64 -13.18
C LYS B 22 -7.49 11.99 -13.91
N PHE B 23 -7.44 10.69 -14.16
CA PHE B 23 -8.36 10.08 -15.11
C PHE B 23 -8.89 8.75 -14.58
N GLY B 24 -10.21 8.67 -14.38
CA GLY B 24 -10.83 7.46 -13.87
C GLY B 24 -11.99 7.03 -14.75
N ILE B 25 -12.38 5.77 -14.59
CA ILE B 25 -13.50 5.22 -15.33
C ILE B 25 -14.62 4.87 -14.36
N PHE B 26 -15.83 5.33 -14.67
CA PHE B 26 -17.05 5.08 -13.91
C PHE B 26 -17.77 3.86 -14.49
N LEU B 27 -18.23 2.97 -13.62
CA LEU B 27 -18.97 1.79 -14.07
C LEU B 27 -20.33 1.73 -13.36
N HIS B 28 -21.40 1.99 -14.11
CA HIS B 28 -22.78 1.88 -13.60
C HIS B 28 -23.35 0.53 -14.02
N TRP B 29 -23.41 -0.40 -13.07
CA TRP B 29 -23.85 -1.75 -13.37
C TRP B 29 -24.77 -2.21 -12.26
N GLY B 30 -25.93 -2.74 -12.63
CA GLY B 30 -26.83 -3.34 -11.66
C GLY B 30 -27.96 -4.02 -12.37
N LEU B 31 -29.04 -4.32 -11.62
CA LEU B 31 -30.14 -5.06 -12.23
C LEU B 31 -30.67 -4.37 -13.47
N TYR B 32 -30.75 -3.04 -13.42
CA TYR B 32 -31.24 -2.26 -14.57
C TYR B 32 -30.51 -2.61 -15.87
N ALA B 33 -29.32 -3.21 -15.81
CA ALA B 33 -28.67 -3.66 -17.04
C ALA B 33 -29.61 -4.54 -17.87
N MET B 34 -30.42 -5.38 -17.22
CA MET B 34 -31.36 -6.22 -17.95
C MET B 34 -32.38 -5.39 -18.68
N LEU B 35 -32.94 -4.39 -18.00
CA LEU B 35 -33.99 -3.59 -18.64
C LEU B 35 -33.41 -2.76 -19.77
N ALA B 36 -32.12 -2.43 -19.67
CA ALA B 36 -31.37 -1.75 -20.71
C ALA B 36 -32.03 -0.43 -21.12
N THR B 37 -32.77 0.22 -20.20
CA THR B 37 -33.35 1.53 -20.49
C THR B 37 -32.88 2.62 -19.54
N GLY B 38 -31.89 2.35 -18.67
CA GLY B 38 -31.33 3.33 -17.74
C GLY B 38 -31.56 2.95 -16.28
N GLU B 39 -30.64 3.40 -15.42
CA GLU B 39 -30.71 3.06 -13.99
C GLU B 39 -31.86 3.74 -13.26
N TRP B 40 -32.50 4.75 -13.85
CA TRP B 40 -33.65 5.38 -13.21
C TRP B 40 -34.99 4.74 -13.61
N THR B 41 -34.95 3.64 -14.38
CA THR B 41 -36.19 3.04 -14.92
C THR B 41 -37.18 2.67 -13.82
N MET B 42 -36.68 2.19 -12.67
CA MET B 42 -37.58 1.73 -11.63
C MET B 42 -38.48 2.85 -11.12
N THR B 43 -37.94 4.06 -10.94
CA THR B 43 -38.85 5.10 -10.47
C THR B 43 -39.55 5.80 -11.63
N ASN B 44 -38.87 5.96 -12.78
CA ASN B 44 -39.48 6.56 -13.96
C ASN B 44 -40.76 5.82 -14.37
N ASN B 45 -40.77 4.51 -14.26
CA ASN B 45 -41.91 3.72 -14.71
C ASN B 45 -42.78 3.22 -13.58
N ASN B 46 -42.51 3.64 -12.33
CA ASN B 46 -43.33 3.29 -11.16
C ASN B 46 -43.48 1.78 -11.03
N LEU B 47 -42.34 1.10 -11.20
CA LEU B 47 -42.31 -0.35 -11.09
C LEU B 47 -42.48 -0.77 -9.64
N ASN B 48 -43.34 -1.74 -9.40
CA ASN B 48 -43.46 -2.33 -8.07
C ASN B 48 -42.13 -2.91 -7.63
N TYR B 49 -41.75 -2.68 -6.35
CA TYR B 49 -40.44 -3.12 -5.89
C TYR B 49 -40.31 -4.64 -5.86
N LYS B 50 -41.40 -5.33 -5.49
CA LYS B 50 -41.32 -6.78 -5.39
C LYS B 50 -41.25 -7.42 -6.78
N GLU B 51 -42.01 -6.86 -7.73
CA GLU B 51 -41.91 -7.35 -9.10
C GLU B 51 -40.53 -7.06 -9.71
N TYR B 52 -39.96 -5.88 -9.40
CA TYR B 52 -38.64 -5.52 -9.93
C TYR B 52 -37.57 -6.47 -9.42
N ALA B 53 -37.67 -6.87 -8.14
CA ALA B 53 -36.68 -7.76 -7.56
C ALA B 53 -36.68 -9.15 -8.20
N LYS B 54 -37.78 -9.53 -8.86
CA LYS B 54 -37.86 -10.80 -9.56
C LYS B 54 -36.89 -10.90 -10.73
N LEU B 55 -36.36 -9.77 -11.24
CA LEU B 55 -35.37 -9.86 -12.31
C LEU B 55 -34.10 -10.55 -11.84
N ALA B 56 -33.83 -10.55 -10.53
CA ALA B 56 -32.60 -11.16 -10.05
C ALA B 56 -32.55 -12.64 -10.39
N GLY B 57 -33.70 -13.30 -10.47
CA GLY B 57 -33.76 -14.70 -10.83
C GLY B 57 -33.38 -15.01 -12.28
N GLY B 58 -33.10 -13.98 -13.08
CA GLY B 58 -32.64 -14.20 -14.45
C GLY B 58 -31.40 -13.40 -14.79
N PHE B 59 -30.71 -12.90 -13.77
CA PHE B 59 -29.51 -12.09 -13.97
C PHE B 59 -28.29 -13.00 -13.94
N TYR B 60 -27.69 -13.21 -15.12
CA TYR B 60 -26.55 -14.10 -15.28
C TYR B 60 -25.65 -13.51 -16.37
N PRO B 61 -24.78 -12.58 -16.00
CA PRO B 61 -23.89 -11.95 -17.00
C PRO B 61 -22.69 -12.83 -17.35
N SER B 62 -22.96 -13.85 -18.18
CA SER B 62 -22.05 -14.98 -18.34
C SER B 62 -20.68 -14.62 -18.92
N LYS B 63 -20.54 -13.48 -19.58
CA LYS B 63 -19.26 -13.10 -20.15
C LYS B 63 -18.45 -12.17 -19.25
N PHE B 64 -18.86 -11.98 -18.00
CA PHE B 64 -18.17 -11.03 -17.13
C PHE B 64 -16.74 -11.50 -16.85
N ASP B 65 -15.78 -10.59 -16.99
CA ASP B 65 -14.37 -10.94 -16.80
C ASP B 65 -13.68 -9.73 -16.18
N ALA B 66 -13.53 -9.76 -14.85
CA ALA B 66 -12.93 -8.64 -14.14
C ALA B 66 -11.55 -8.31 -14.69
N ASP B 67 -10.76 -9.34 -15.03
CA ASP B 67 -9.46 -9.12 -15.64
C ASP B 67 -9.61 -8.37 -16.96
N LYS B 68 -10.52 -8.82 -17.82
CA LYS B 68 -10.76 -8.14 -19.08
C LYS B 68 -11.09 -6.68 -18.86
N TRP B 69 -12.06 -6.39 -17.98
CA TRP B 69 -12.50 -5.03 -17.80
C TRP B 69 -11.34 -4.15 -17.34
N VAL B 70 -10.61 -4.61 -16.32
CA VAL B 70 -9.58 -3.73 -15.77
C VAL B 70 -8.44 -3.57 -16.77
N ALA B 71 -8.16 -4.60 -17.58
CA ALA B 71 -7.14 -4.44 -18.61
C ALA B 71 -7.58 -3.44 -19.68
N ALA B 72 -8.84 -3.51 -20.10
CA ALA B 72 -9.33 -2.55 -21.10
C ALA B 72 -9.33 -1.13 -20.56
N ILE B 73 -9.63 -0.95 -19.27
CA ILE B 73 -9.63 0.39 -18.69
C ILE B 73 -8.19 0.91 -18.52
N LYS B 74 -7.32 0.10 -17.92
CA LYS B 74 -5.91 0.45 -17.81
C LYS B 74 -5.30 0.81 -19.17
N ALA B 75 -5.76 0.15 -20.24
CA ALA B 75 -5.27 0.46 -21.57
C ALA B 75 -5.67 1.86 -22.05
N SER B 76 -6.61 2.52 -21.38
CA SER B 76 -6.96 3.89 -21.73
C SER B 76 -6.04 4.91 -21.11
N GLY B 77 -5.21 4.52 -20.16
CA GLY B 77 -4.47 5.46 -19.36
C GLY B 77 -5.17 5.89 -18.09
N ALA B 78 -6.42 5.45 -17.89
CA ALA B 78 -7.10 5.71 -16.61
C ALA B 78 -6.35 5.04 -15.47
N LYS B 79 -6.44 5.62 -14.29
CA LYS B 79 -5.67 5.12 -13.17
C LYS B 79 -6.53 4.61 -12.03
N TYR B 80 -7.84 4.63 -12.17
CA TYR B 80 -8.72 4.11 -11.13
C TYR B 80 -10.11 3.89 -11.73
N ILE B 81 -10.89 3.08 -11.02
CA ILE B 81 -12.27 2.76 -11.39
C ILE B 81 -13.17 3.08 -10.23
N CYS B 82 -14.30 3.72 -10.53
CA CYS B 82 -15.38 3.93 -9.58
C CYS B 82 -16.55 3.02 -9.97
N PHE B 83 -16.89 2.08 -9.08
CA PHE B 83 -17.91 1.07 -9.37
C PHE B 83 -19.17 1.29 -8.53
N THR B 84 -20.36 1.13 -9.14
CA THR B 84 -21.60 1.25 -8.38
C THR B 84 -21.80 -0.01 -7.56
N THR B 85 -21.49 0.03 -6.25
CA THR B 85 -21.74 -1.16 -5.44
C THR B 85 -23.22 -1.39 -5.17
N ARG B 86 -24.03 -0.35 -5.33
CA ARG B 86 -25.43 -0.35 -4.94
C ARG B 86 -26.02 0.97 -5.37
N HIS B 87 -26.92 0.94 -6.35
CA HIS B 87 -27.47 2.18 -6.84
C HIS B 87 -28.84 2.41 -6.19
N HIS B 88 -29.61 3.37 -6.74
CA HIS B 88 -30.89 3.73 -6.13
C HIS B 88 -31.82 2.53 -6.04
N GLU B 89 -31.72 1.60 -7.01
CA GLU B 89 -32.57 0.41 -7.04
C GLU B 89 -32.41 -0.46 -5.78
N GLY B 90 -31.27 -0.36 -5.08
CA GLY B 90 -31.11 -1.04 -3.82
C GLY B 90 -30.55 -2.44 -3.90
N PHE B 91 -30.08 -2.86 -5.07
CA PHE B 91 -29.49 -4.17 -5.27
C PHE B 91 -27.98 -4.11 -4.99
N SER B 92 -27.48 -5.06 -4.20
CA SER B 92 -26.08 -5.08 -3.78
C SER B 92 -25.25 -6.00 -4.68
N MET B 93 -24.30 -5.41 -5.41
CA MET B 93 -23.45 -6.12 -6.35
C MET B 93 -22.34 -6.95 -5.69
N PHE B 94 -22.42 -7.14 -4.37
CA PHE B 94 -21.44 -7.87 -3.61
C PHE B 94 -22.18 -8.77 -2.64
N ASP B 95 -21.45 -9.67 -1.99
CA ASP B 95 -22.05 -10.62 -1.04
C ASP B 95 -22.12 -9.95 0.34
N THR B 96 -23.26 -9.34 0.62
CA THR B 96 -23.54 -8.73 1.90
C THR B 96 -24.34 -9.69 2.80
N LYS B 97 -24.04 -9.69 4.09
CA LYS B 97 -24.84 -10.48 5.03
C LYS B 97 -26.00 -9.68 5.63
N TYR B 98 -26.17 -8.42 5.24
CA TYR B 98 -27.23 -7.58 5.78
C TYR B 98 -28.41 -7.44 4.82
N SER B 99 -28.33 -8.05 3.65
CA SER B 99 -29.51 -8.23 2.81
C SER B 99 -29.30 -9.40 1.87
N ASP B 100 -30.33 -10.21 1.72
CA ASP B 100 -30.32 -11.27 0.71
C ASP B 100 -30.63 -10.76 -0.68
N TYR B 101 -30.94 -9.47 -0.82
CA TYR B 101 -31.06 -8.81 -2.12
C TYR B 101 -29.68 -8.48 -2.67
N ASN B 102 -28.88 -9.52 -2.96
CA ASN B 102 -27.53 -9.32 -3.46
C ASN B 102 -27.21 -10.30 -4.59
N ILE B 103 -26.16 -9.96 -5.34
CA ILE B 103 -25.76 -10.69 -6.54
C ILE B 103 -25.45 -12.15 -6.24
N VAL B 104 -24.98 -12.45 -5.03
CA VAL B 104 -24.59 -13.82 -4.74
C VAL B 104 -25.77 -14.66 -4.30
N LYS B 105 -26.61 -14.11 -3.40
CA LYS B 105 -27.76 -14.86 -2.86
C LYS B 105 -28.96 -14.86 -3.81
N ALA B 106 -29.24 -13.73 -4.48
CA ALA B 106 -30.51 -13.56 -5.18
C ALA B 106 -30.45 -13.88 -6.68
N THR B 107 -29.28 -14.16 -7.24
CA THR B 107 -29.14 -14.41 -8.67
C THR B 107 -28.57 -15.79 -8.94
N PRO B 108 -28.79 -16.33 -10.13
CA PRO B 108 -28.07 -17.55 -10.52
C PRO B 108 -26.58 -17.34 -10.77
N PHE B 109 -26.12 -16.11 -10.99
CA PHE B 109 -24.68 -15.88 -11.14
C PHE B 109 -23.91 -16.44 -9.94
N LYS B 110 -24.37 -16.16 -8.72
CA LYS B 110 -23.78 -16.63 -7.45
C LYS B 110 -22.34 -16.15 -7.23
N ARG B 111 -21.86 -15.11 -7.93
CA ARG B 111 -20.47 -14.70 -7.81
C ARG B 111 -20.38 -13.25 -7.34
N ASP B 112 -19.47 -12.99 -6.40
CA ASP B 112 -19.25 -11.63 -5.94
C ASP B 112 -18.47 -10.86 -6.99
N VAL B 113 -19.16 -9.95 -7.66
CA VAL B 113 -18.54 -9.17 -8.73
C VAL B 113 -17.59 -8.12 -8.17
N VAL B 114 -17.93 -7.53 -7.02
CA VAL B 114 -17.08 -6.50 -6.44
C VAL B 114 -15.77 -7.10 -5.98
N LYS B 115 -15.80 -8.30 -5.42
CA LYS B 115 -14.55 -8.95 -5.04
C LYS B 115 -13.71 -9.26 -6.27
N GLU B 116 -14.33 -9.83 -7.32
CA GLU B 116 -13.58 -10.20 -8.51
C GLU B 116 -12.92 -8.96 -9.12
N LEU B 117 -13.65 -7.85 -9.13
CA LEU B 117 -13.10 -6.60 -9.59
C LEU B 117 -11.95 -6.15 -8.69
N ALA B 118 -12.10 -6.30 -7.39
CA ALA B 118 -11.05 -5.87 -6.47
C ALA B 118 -9.76 -6.61 -6.74
N ASP B 119 -9.86 -7.91 -7.01
CA ASP B 119 -8.69 -8.73 -7.32
C ASP B 119 -8.06 -8.31 -8.64
N ALA B 120 -8.89 -8.10 -9.66
CA ALA B 120 -8.34 -7.69 -10.96
C ALA B 120 -7.66 -6.32 -10.86
N CYS B 121 -8.24 -5.41 -10.09
CA CYS B 121 -7.63 -4.09 -9.85
C CYS B 121 -6.27 -4.25 -9.17
N ALA B 122 -6.20 -5.09 -8.14
CA ALA B 122 -4.93 -5.28 -7.47
C ALA B 122 -3.88 -5.84 -8.44
N LYS B 123 -4.27 -6.84 -9.25
CA LYS B 123 -3.34 -7.44 -10.19
C LYS B 123 -2.82 -6.40 -11.18
N HIS B 124 -3.67 -5.46 -11.62
CA HIS B 124 -3.26 -4.51 -12.65
C HIS B 124 -2.81 -3.16 -12.12
N GLY B 125 -2.77 -2.97 -10.80
CA GLY B 125 -2.33 -1.71 -10.23
C GLY B 125 -3.25 -0.54 -10.48
N ILE B 126 -4.55 -0.73 -10.32
CA ILE B 126 -5.56 0.28 -10.59
C ILE B 126 -6.33 0.51 -9.29
N LYS B 127 -6.43 1.77 -8.86
CA LYS B 127 -7.16 2.07 -7.62
C LYS B 127 -8.66 1.87 -7.81
N LEU B 128 -9.36 1.58 -6.70
CA LEU B 128 -10.77 1.21 -6.73
C LEU B 128 -11.58 2.09 -5.77
N HIS B 129 -12.63 2.73 -6.30
CA HIS B 129 -13.55 3.59 -5.57
C HIS B 129 -14.94 2.98 -5.64
N PHE B 130 -15.69 3.09 -4.56
CA PHE B 130 -17.05 2.56 -4.51
C PHE B 130 -18.07 3.69 -4.53
N TYR B 131 -18.97 3.69 -5.52
CA TYR B 131 -20.21 4.44 -5.47
C TYR B 131 -21.19 3.77 -4.50
N TYR B 132 -21.79 4.57 -3.61
CA TYR B 132 -22.79 4.09 -2.64
C TYR B 132 -23.98 5.05 -2.53
N SER B 133 -25.18 4.53 -2.79
CA SER B 133 -26.38 5.35 -2.90
C SER B 133 -26.98 5.58 -1.51
N HIS B 134 -27.15 6.86 -1.15
CA HIS B 134 -27.83 7.24 0.09
C HIS B 134 -29.34 7.00 0.05
N ILE B 135 -29.93 6.77 -1.13
CA ILE B 135 -31.37 6.59 -1.26
C ILE B 135 -31.65 5.19 -1.77
N ASP B 136 -32.88 4.73 -1.56
CA ASP B 136 -33.17 3.31 -1.75
C ASP B 136 -34.64 3.14 -2.11
N TRP B 137 -34.89 2.62 -3.30
CA TRP B 137 -36.25 2.42 -3.81
C TRP B 137 -36.82 1.05 -3.50
N TYR B 138 -36.05 0.16 -2.87
CA TYR B 138 -36.49 -1.21 -2.59
C TYR B 138 -36.79 -1.46 -1.11
N ARG B 139 -35.91 -1.03 -0.19
CA ARG B 139 -36.10 -1.36 1.22
C ARG B 139 -37.33 -0.67 1.82
N GLU B 140 -38.10 -1.43 2.61
CA GLU B 140 -39.32 -0.88 3.21
C GLU B 140 -39.06 0.09 4.36
N ASP B 141 -37.83 0.18 4.88
CA ASP B 141 -37.51 1.18 5.89
C ASP B 141 -36.83 2.40 5.30
N ALA B 142 -36.66 2.46 4.00
CA ALA B 142 -35.98 3.58 3.37
C ALA B 142 -36.90 4.79 3.30
N PRO B 143 -36.51 5.93 3.86
CA PRO B 143 -37.41 7.09 3.82
C PRO B 143 -37.47 7.65 2.42
N GLN B 144 -38.65 8.15 2.06
CA GLN B 144 -38.89 8.60 0.69
C GLN B 144 -38.73 10.12 0.63
N GLY B 145 -38.02 10.58 -0.40
CA GLY B 145 -37.94 11.98 -0.73
C GLY B 145 -38.69 12.26 -2.02
N ARG B 146 -38.03 12.93 -2.97
CA ARG B 146 -38.65 13.20 -4.27
C ARG B 146 -38.94 11.93 -5.04
N THR B 147 -37.99 11.00 -5.07
CA THR B 147 -38.06 9.82 -5.92
C THR B 147 -38.56 8.60 -5.15
N GLY B 148 -38.92 7.57 -5.91
CA GLY B 148 -39.38 6.32 -5.33
C GLY B 148 -40.68 6.41 -4.56
N ARG B 149 -41.53 7.39 -4.87
CA ARG B 149 -42.78 7.54 -4.14
C ARG B 149 -43.85 6.56 -4.59
N ARG B 150 -43.62 5.86 -5.70
CA ARG B 150 -44.61 4.99 -6.33
C ARG B 150 -44.02 3.60 -6.61
N THR B 151 -43.12 3.14 -5.74
CA THR B 151 -42.59 1.78 -5.77
C THR B 151 -43.57 0.74 -5.21
N GLY B 152 -44.71 1.17 -4.68
CA GLY B 152 -45.60 0.24 -4.04
C GLY B 152 -45.26 -0.10 -2.61
N ARG B 153 -44.28 0.58 -2.01
CA ARG B 153 -43.85 0.24 -0.67
C ARG B 153 -44.86 0.75 0.38
N PRO B 154 -44.92 0.11 1.57
CA PRO B 154 -45.96 0.46 2.55
C PRO B 154 -45.68 1.65 3.47
N ASN B 155 -44.42 1.99 3.76
CA ASN B 155 -44.10 3.05 4.72
C ASN B 155 -43.29 4.16 4.06
N PRO B 156 -43.94 5.23 3.59
CA PRO B 156 -43.18 6.29 2.91
C PRO B 156 -42.14 6.97 3.80
N LYS B 157 -42.44 7.14 5.08
CA LYS B 157 -41.47 7.71 5.99
C LYS B 157 -40.43 6.70 6.45
N GLY B 158 -40.60 5.43 6.10
CA GLY B 158 -39.60 4.41 6.43
C GLY B 158 -39.30 4.34 7.91
N ASP B 159 -38.06 3.97 8.23
CA ASP B 159 -37.56 3.90 9.60
C ASP B 159 -36.09 4.27 9.54
N TRP B 160 -35.78 5.53 9.81
CA TRP B 160 -34.42 6.01 9.54
C TRP B 160 -33.37 5.25 10.34
N LYS B 161 -33.67 4.85 11.58
CA LYS B 161 -32.61 4.25 12.38
C LYS B 161 -32.19 2.89 11.82
N SER B 162 -33.17 2.08 11.44
CA SER B 162 -32.88 0.79 10.83
C SER B 162 -32.12 0.96 9.52
N TYR B 163 -32.57 1.89 8.67
CA TYR B 163 -31.94 2.12 7.37
C TYR B 163 -30.52 2.64 7.51
N TYR B 164 -30.31 3.62 8.40
CA TYR B 164 -28.98 4.19 8.62
C TYR B 164 -28.03 3.12 9.15
N GLN B 165 -28.49 2.30 10.10
CA GLN B 165 -27.66 1.20 10.59
C GLN B 165 -27.32 0.23 9.47
N PHE B 166 -28.25 -0.02 8.55
CA PHE B 166 -27.97 -0.91 7.44
C PHE B 166 -26.92 -0.32 6.51
N MET B 167 -27.00 0.98 6.26
CA MET B 167 -25.97 1.61 5.44
C MET B 167 -24.59 1.54 6.11
N ASN B 168 -24.51 1.93 7.39
CA ASN B 168 -23.22 1.91 8.06
C ASN B 168 -22.66 0.50 8.12
N ASN B 169 -23.54 -0.51 8.23
CA ASN B 169 -23.12 -1.90 8.19
C ASN B 169 -22.55 -2.29 6.83
N GLN B 170 -23.21 -1.88 5.76
CA GLN B 170 -22.69 -2.19 4.44
C GLN B 170 -21.37 -1.46 4.16
N LEU B 171 -21.26 -0.20 4.61
CA LEU B 171 -20.01 0.52 4.45
C LEU B 171 -18.88 -0.19 5.17
N THR B 172 -19.12 -0.56 6.43
CA THR B 172 -18.18 -1.38 7.19
C THR B 172 -17.73 -2.59 6.39
N GLU B 173 -18.69 -3.29 5.78
CA GLU B 173 -18.38 -4.42 4.91
C GLU B 173 -17.41 -4.02 3.79
N LEU B 174 -17.77 -2.99 3.01
CA LEU B 174 -16.94 -2.63 1.85
C LEU B 174 -15.57 -2.10 2.24
N LEU B 175 -15.40 -1.64 3.49
CA LEU B 175 -14.13 -1.09 3.92
C LEU B 175 -13.27 -2.10 4.66
N THR B 176 -13.68 -3.37 4.71
CA THR B 176 -12.87 -4.42 5.32
C THR B 176 -12.62 -5.65 4.45
N ASN B 177 -13.43 -5.90 3.42
CA ASN B 177 -13.43 -7.19 2.74
C ASN B 177 -12.82 -7.14 1.35
N TYR B 178 -12.42 -5.97 0.86
CA TYR B 178 -12.02 -5.82 -0.54
C TYR B 178 -10.71 -5.05 -0.67
N GLY B 179 -9.88 -5.10 0.37
CA GLY B 179 -8.60 -4.45 0.32
C GLY B 179 -8.74 -2.94 0.37
N PRO B 180 -7.65 -2.23 0.10
CA PRO B 180 -7.66 -0.77 0.26
C PRO B 180 -8.55 -0.12 -0.78
N ILE B 181 -9.41 0.78 -0.32
CA ILE B 181 -10.43 1.42 -1.15
C ILE B 181 -10.04 2.87 -1.37
N GLY B 182 -10.03 3.29 -2.62
CA GLY B 182 -9.66 4.66 -2.95
C GLY B 182 -10.59 5.68 -2.32
N ALA B 183 -11.89 5.56 -2.58
CA ALA B 183 -12.83 6.57 -2.10
C ALA B 183 -14.23 5.98 -1.98
N ILE B 184 -15.02 6.58 -1.09
CA ILE B 184 -16.45 6.36 -1.04
C ILE B 184 -17.14 7.55 -1.69
N TRP B 185 -17.88 7.27 -2.77
CA TRP B 185 -18.60 8.22 -3.60
C TRP B 185 -20.10 8.12 -3.24
N PHE B 186 -20.54 8.89 -2.25
CA PHE B 186 -21.94 8.93 -1.87
C PHE B 186 -22.78 9.69 -2.89
N ASP B 187 -24.02 9.24 -3.12
CA ASP B 187 -24.92 10.02 -3.97
C ASP B 187 -26.37 9.88 -3.51
N GLY B 188 -27.16 10.92 -3.73
CA GLY B 188 -28.56 10.86 -3.36
C GLY B 188 -29.06 11.91 -2.38
N TRP B 189 -28.15 12.67 -1.75
CA TRP B 189 -28.51 13.77 -0.86
C TRP B 189 -29.66 14.63 -1.40
N TRP B 190 -29.66 14.90 -2.71
CA TRP B 190 -30.66 15.78 -3.32
C TRP B 190 -32.08 15.21 -3.27
N ASP B 191 -32.23 13.93 -2.96
CA ASP B 191 -33.56 13.33 -2.91
C ASP B 191 -34.40 13.93 -1.78
N GLN B 192 -33.75 14.38 -0.71
CA GLN B 192 -34.39 15.05 0.43
C GLN B 192 -34.19 16.56 0.39
N ASP B 193 -33.81 17.07 -0.78
CA ASP B 193 -33.78 18.51 -1.05
C ASP B 193 -35.06 19.19 -0.54
N ILE B 194 -36.22 18.57 -0.76
CA ILE B 194 -37.50 19.16 -0.36
C ILE B 194 -37.59 19.35 1.15
N ASN B 195 -36.92 18.50 1.91
CA ASN B 195 -36.92 18.52 3.37
C ASN B 195 -35.64 19.19 3.89
N PRO B 196 -35.64 20.51 4.07
CA PRO B 196 -34.40 21.20 4.47
C PRO B 196 -33.94 20.84 5.87
N ASP B 197 -34.74 20.10 6.63
CA ASP B 197 -34.39 19.70 7.98
C ASP B 197 -34.01 18.24 8.07
N PHE B 198 -33.93 17.54 6.93
CA PHE B 198 -33.56 16.13 6.95
C PHE B 198 -32.14 15.96 7.46
N ASP B 199 -31.96 14.96 8.30
CA ASP B 199 -30.68 14.76 8.98
C ASP B 199 -30.03 13.47 8.51
N TRP B 200 -28.98 13.62 7.69
CA TRP B 200 -28.27 12.46 7.13
C TRP B 200 -27.29 11.82 8.11
N GLU B 201 -27.00 12.46 9.25
CA GLU B 201 -25.99 11.97 10.21
C GLU B 201 -24.67 11.69 9.50
N LEU B 202 -24.23 12.65 8.67
CA LEU B 202 -22.99 12.46 7.92
C LEU B 202 -21.75 12.48 8.81
N PRO B 203 -21.56 13.47 9.74
CA PRO B 203 -20.33 13.46 10.57
C PRO B 203 -19.91 12.09 11.08
N GLU B 204 -20.90 11.35 11.56
CA GLU B 204 -20.67 10.00 12.04
C GLU B 204 -20.26 9.06 10.92
N GLN B 205 -20.95 9.12 9.78
CA GLN B 205 -20.66 8.19 8.69
C GLN B 205 -19.30 8.45 8.07
N TYR B 206 -18.96 9.73 7.86
CA TYR B 206 -17.63 10.11 7.43
C TYR B 206 -16.58 9.67 8.43
N ALA B 207 -16.83 9.87 9.73
CA ALA B 207 -15.91 9.39 10.75
C ALA B 207 -15.70 7.89 10.62
N LEU B 208 -16.78 7.15 10.35
CA LEU B 208 -16.69 5.71 10.14
C LEU B 208 -15.73 5.39 9.01
N ILE B 209 -16.02 5.91 7.81
CA ILE B 209 -15.17 5.77 6.63
C ILE B 209 -13.71 5.97 7.05
N HIS B 210 -13.42 7.14 7.63
CA HIS B 210 -12.04 7.53 7.92
C HIS B 210 -11.39 6.68 9.01
N ARG B 211 -12.18 6.09 9.90
CA ARG B 211 -11.60 5.25 10.93
C ARG B 211 -11.14 3.92 10.32
N LEU B 212 -11.97 3.30 9.46
CA LEU B 212 -11.56 2.01 8.90
C LEU B 212 -10.37 2.16 7.96
N GLN B 213 -10.47 3.02 6.97
CA GLN B 213 -9.35 3.23 6.06
C GLN B 213 -9.05 4.72 6.03
N PRO B 214 -8.16 5.19 6.91
CA PRO B 214 -7.93 6.63 7.04
C PRO B 214 -7.40 7.27 5.78
N ALA B 215 -6.93 6.48 4.81
CA ALA B 215 -6.49 6.99 3.52
C ALA B 215 -7.64 7.13 2.51
N CYS B 216 -8.82 6.58 2.81
CA CYS B 216 -9.92 6.57 1.86
C CYS B 216 -10.54 7.97 1.77
N LEU B 217 -10.71 8.47 0.55
CA LEU B 217 -11.33 9.78 0.36
C LEU B 217 -12.86 9.67 0.35
N VAL B 218 -13.52 10.76 0.76
CA VAL B 218 -14.97 10.78 0.97
C VAL B 218 -15.56 11.88 0.10
N GLY B 219 -16.45 11.52 -0.81
CA GLY B 219 -17.14 12.50 -1.63
C GLY B 219 -18.63 12.30 -1.60
N ASN B 220 -19.38 13.38 -1.80
CA ASN B 220 -20.84 13.34 -1.76
C ASN B 220 -21.41 14.21 -2.88
N ASN B 221 -22.05 13.58 -3.86
CA ASN B 221 -22.62 14.27 -5.03
C ASN B 221 -23.93 14.95 -4.64
N HIS B 222 -23.81 15.94 -3.76
CA HIS B 222 -24.95 16.72 -3.29
C HIS B 222 -25.10 18.05 -4.00
N HIS B 223 -24.15 18.42 -4.87
CA HIS B 223 -24.13 19.69 -5.59
C HIS B 223 -24.08 20.89 -4.64
N GLN B 224 -23.70 20.67 -3.38
CA GLN B 224 -23.54 21.74 -2.41
C GLN B 224 -22.07 22.02 -2.19
N THR B 225 -21.80 23.08 -1.43
CA THR B 225 -20.46 23.23 -0.88
C THR B 225 -20.17 22.03 0.01
N PRO B 226 -18.96 21.47 -0.07
CA PRO B 226 -18.70 20.21 0.67
C PRO B 226 -18.87 20.39 2.17
N PHE B 227 -19.58 19.44 2.79
CA PHE B 227 -19.69 19.41 4.23
C PHE B 227 -18.37 18.93 4.85
N ALA B 228 -18.14 19.33 6.09
CA ALA B 228 -16.92 18.94 6.77
C ALA B 228 -16.82 17.42 6.83
N GLY B 229 -15.63 16.89 6.56
CA GLY B 229 -15.42 15.47 6.50
C GLY B 229 -15.38 14.90 5.10
N GLU B 230 -15.79 15.67 4.11
CA GLU B 230 -15.63 15.27 2.72
C GLU B 230 -14.21 15.58 2.25
N ASP B 231 -13.71 14.76 1.34
CA ASP B 231 -12.33 14.86 0.89
C ASP B 231 -12.17 15.30 -0.56
N ILE B 232 -13.26 15.30 -1.34
CA ILE B 232 -13.25 15.74 -2.73
C ILE B 232 -14.57 16.45 -3.03
N GLN B 233 -14.59 17.19 -4.13
CA GLN B 233 -15.76 17.92 -4.59
C GLN B 233 -16.15 17.45 -5.98
N ILE B 234 -17.44 17.23 -6.17
CA ILE B 234 -17.99 16.52 -7.31
C ILE B 234 -18.77 17.50 -8.17
N PHE B 235 -18.47 17.50 -9.47
CA PHE B 235 -19.21 18.27 -10.45
C PHE B 235 -19.81 17.29 -11.45
N GLU B 236 -21.13 17.28 -11.51
CA GLU B 236 -21.90 16.37 -12.36
C GLU B 236 -22.16 17.02 -13.70
N ARG B 237 -21.57 16.45 -14.75
CA ARG B 237 -21.83 16.81 -16.14
C ARG B 237 -21.43 18.25 -16.42
N ASP B 238 -20.56 18.80 -15.58
CA ASP B 238 -20.06 20.15 -15.79
C ASP B 238 -18.65 20.26 -15.26
N LEU B 239 -17.83 21.06 -15.94
CA LEU B 239 -16.58 21.51 -15.36
C LEU B 239 -16.87 22.39 -14.14
N PRO B 240 -15.96 22.44 -13.17
CA PRO B 240 -16.11 23.40 -12.06
C PRO B 240 -16.27 24.83 -12.57
N GLY B 241 -17.13 25.59 -11.90
CA GLY B 241 -17.47 26.92 -12.37
C GLY B 241 -18.34 26.98 -13.60
N GLU B 242 -18.87 25.83 -14.05
CA GLU B 242 -19.77 25.75 -15.19
C GLU B 242 -21.08 25.08 -14.77
N ASN B 243 -22.16 25.41 -15.49
CA ASN B 243 -23.47 24.83 -15.23
C ASN B 243 -24.25 24.63 -16.52
N THR B 244 -23.58 24.12 -17.55
CA THR B 244 -24.23 23.90 -18.84
C THR B 244 -25.33 22.85 -18.76
N ALA B 245 -25.22 21.89 -17.82
CA ALA B 245 -26.20 20.83 -17.66
C ALA B 245 -27.30 21.16 -16.65
N GLY B 246 -27.07 22.11 -15.76
CA GLY B 246 -28.06 22.51 -14.79
C GLY B 246 -27.99 21.83 -13.45
N LEU B 247 -26.91 21.10 -13.17
CA LEU B 247 -26.79 20.32 -11.95
C LEU B 247 -25.65 20.79 -11.05
N SER B 248 -24.86 21.76 -11.49
CA SER B 248 -23.63 22.10 -10.79
C SER B 248 -23.48 23.61 -10.63
N GLY B 249 -24.49 24.26 -10.07
CA GLY B 249 -24.34 25.65 -9.75
C GLY B 249 -23.51 25.95 -8.50
N GLN B 250 -22.84 24.96 -7.92
CA GLN B 250 -22.22 25.10 -6.61
C GLN B 250 -20.86 25.80 -6.70
N SER B 251 -20.37 26.22 -5.53
CA SER B 251 -19.09 26.92 -5.42
C SER B 251 -17.91 25.94 -5.44
N VAL B 252 -16.81 26.41 -6.02
CA VAL B 252 -15.57 25.62 -6.09
C VAL B 252 -14.85 25.68 -4.74
N SER B 253 -14.52 24.50 -4.19
CA SER B 253 -13.85 24.39 -2.90
C SER B 253 -12.35 24.14 -3.05
N HIS B 254 -11.66 24.16 -1.91
CA HIS B 254 -10.22 23.93 -1.91
C HIS B 254 -9.87 22.46 -1.93
N LEU B 255 -10.86 21.58 -1.94
CA LEU B 255 -10.65 20.14 -2.01
C LEU B 255 -10.31 19.74 -3.43
N PRO B 256 -9.83 18.50 -3.63
CA PRO B 256 -9.62 18.02 -5.00
C PRO B 256 -10.94 17.93 -5.77
N LEU B 257 -10.91 18.40 -7.02
CA LEU B 257 -12.10 18.49 -7.87
C LEU B 257 -12.21 17.28 -8.80
N GLU B 258 -13.46 16.92 -9.14
CA GLU B 258 -13.72 15.80 -10.04
C GLU B 258 -15.02 16.01 -10.82
N THR B 259 -14.93 16.05 -12.15
CA THR B 259 -16.08 16.08 -13.02
C THR B 259 -16.37 14.69 -13.56
N CYS B 260 -17.64 14.31 -13.58
CA CYS B 260 -18.04 13.07 -14.22
C CYS B 260 -18.88 13.35 -15.46
N GLU B 261 -18.76 12.46 -16.44
CA GLU B 261 -19.50 12.56 -17.69
C GLU B 261 -19.74 11.15 -18.24
N THR B 262 -20.69 11.04 -19.17
CA THR B 262 -20.99 9.75 -19.80
C THR B 262 -20.37 9.68 -21.19
N MET B 263 -19.99 8.47 -21.60
CA MET B 263 -19.45 8.28 -22.93
C MET B 263 -20.54 8.40 -24.00
N ASN B 264 -21.71 7.80 -23.74
CA ASN B 264 -22.93 8.09 -24.49
C ASN B 264 -23.76 9.13 -23.71
N GLY B 265 -25.07 8.95 -23.60
CA GLY B 265 -25.89 9.88 -22.83
C GLY B 265 -26.48 9.36 -21.55
N MET B 266 -26.09 8.18 -21.06
CA MET B 266 -26.67 7.55 -19.89
C MET B 266 -25.59 6.85 -19.07
N TRP B 267 -25.88 6.68 -17.78
CA TRP B 267 -24.97 5.98 -16.88
C TRP B 267 -25.11 4.48 -17.03
N GLY B 268 -26.30 3.95 -16.76
CA GLY B 268 -26.53 2.53 -16.98
C GLY B 268 -26.62 2.20 -18.46
N TYR B 269 -26.45 0.91 -18.76
CA TYR B 269 -26.46 0.46 -20.14
C TYR B 269 -27.83 0.73 -20.75
N LYS B 270 -27.82 1.30 -21.96
CA LYS B 270 -29.04 1.70 -22.66
C LYS B 270 -28.95 1.19 -24.07
N ILE B 271 -29.84 0.25 -24.44
CA ILE B 271 -29.77 -0.38 -25.75
C ILE B 271 -30.19 0.55 -26.90
N THR B 272 -31.02 1.57 -26.66
CA THR B 272 -31.26 2.54 -27.72
C THR B 272 -30.15 3.58 -27.87
N ASP B 273 -29.25 3.71 -26.89
CA ASP B 273 -28.24 4.79 -26.89
C ASP B 273 -26.91 4.20 -27.35
N GLN B 274 -26.69 4.19 -28.67
CA GLN B 274 -25.43 3.76 -29.24
C GLN B 274 -24.63 4.94 -29.78
N ASN B 275 -24.88 6.13 -29.28
CA ASN B 275 -24.21 7.33 -29.75
C ASN B 275 -23.04 7.62 -28.80
N TYR B 276 -21.86 7.08 -29.11
CA TYR B 276 -20.69 7.28 -28.27
C TYR B 276 -19.88 8.48 -28.77
N LYS B 277 -19.42 9.30 -27.83
CA LYS B 277 -18.61 10.46 -28.22
C LYS B 277 -17.36 10.00 -28.96
N SER B 278 -16.90 10.83 -29.89
CA SER B 278 -15.66 10.56 -30.61
C SER B 278 -14.45 10.58 -29.66
N THR B 279 -13.37 9.94 -30.09
CA THR B 279 -12.11 9.99 -29.35
C THR B 279 -11.66 11.43 -29.14
N LYS B 280 -11.81 12.26 -30.17
CA LYS B 280 -11.41 13.65 -30.04
C LYS B 280 -12.19 14.32 -28.91
N THR B 281 -13.49 14.08 -28.85
CA THR B 281 -14.35 14.69 -27.83
C THR B 281 -13.94 14.26 -26.43
N LEU B 282 -13.69 12.97 -26.23
CA LEU B 282 -13.28 12.46 -24.93
C LEU B 282 -11.92 13.00 -24.51
N ILE B 283 -10.95 13.03 -25.45
CA ILE B 283 -9.65 13.60 -25.11
C ILE B 283 -9.80 15.05 -24.72
N HIS B 284 -10.67 15.78 -25.42
CA HIS B 284 -10.94 17.16 -25.07
C HIS B 284 -11.56 17.27 -23.68
N TYR B 285 -12.50 16.37 -23.33
CA TYR B 285 -13.04 16.40 -21.97
C TYR B 285 -11.94 16.27 -20.95
N LEU B 286 -11.11 15.23 -21.09
CA LEU B 286 -10.02 15.01 -20.15
C LEU B 286 -9.10 16.22 -20.06
N VAL B 287 -8.76 16.81 -21.20
CA VAL B 287 -7.82 17.93 -21.20
C VAL B 287 -8.45 19.16 -20.54
N LYS B 288 -9.68 19.49 -20.91
CA LYS B 288 -10.33 20.66 -20.33
C LYS B 288 -10.51 20.51 -18.83
N ALA B 289 -10.85 19.30 -18.37
CA ALA B 289 -10.93 19.02 -16.95
C ALA B 289 -9.59 19.26 -16.26
N ALA B 290 -8.52 18.61 -16.77
CA ALA B 290 -7.19 18.81 -16.20
C ALA B 290 -6.79 20.28 -16.20
N GLY B 291 -7.08 20.98 -17.30
CA GLY B 291 -6.82 22.40 -17.38
C GLY B 291 -7.65 23.22 -16.42
N LYS B 292 -8.69 22.62 -15.83
CA LYS B 292 -9.47 23.25 -14.77
C LYS B 292 -9.14 22.68 -13.38
N ASP B 293 -7.97 22.08 -13.21
CA ASP B 293 -7.55 21.48 -11.94
C ASP B 293 -8.56 20.48 -11.39
N ALA B 294 -9.14 19.67 -12.29
CA ALA B 294 -10.13 18.67 -11.90
C ALA B 294 -9.87 17.36 -12.62
N ASN B 295 -10.08 16.25 -11.92
CA ASN B 295 -10.07 14.93 -12.53
C ASN B 295 -11.30 14.76 -13.42
N LEU B 296 -11.21 13.85 -14.37
CA LEU B 296 -12.35 13.44 -15.18
C LEU B 296 -12.67 11.98 -14.88
N LEU B 297 -13.93 11.71 -14.59
CA LEU B 297 -14.41 10.35 -14.36
C LEU B 297 -15.40 10.04 -15.49
N MET B 298 -14.99 9.17 -16.43
CA MET B 298 -15.76 8.87 -17.65
C MET B 298 -16.45 7.51 -17.51
N ASN B 299 -17.76 7.47 -17.83
CA ASN B 299 -18.63 6.36 -17.48
C ASN B 299 -18.82 5.38 -18.64
N ILE B 300 -19.01 4.11 -18.30
CA ILE B 300 -19.51 3.07 -19.20
C ILE B 300 -20.56 2.27 -18.46
N GLY B 301 -21.68 1.98 -19.12
CA GLY B 301 -22.66 1.05 -18.60
C GLY B 301 -22.48 -0.36 -19.14
N PRO B 302 -21.92 -1.28 -18.34
CA PRO B 302 -21.71 -2.65 -18.84
C PRO B 302 -23.04 -3.34 -19.16
N GLN B 303 -22.98 -4.27 -20.11
CA GLN B 303 -24.16 -4.91 -20.64
C GLN B 303 -24.62 -6.04 -19.72
N PRO B 304 -25.88 -6.48 -19.86
CA PRO B 304 -26.39 -7.57 -18.99
C PRO B 304 -25.75 -8.93 -19.27
N ASP B 305 -24.92 -9.06 -20.32
CA ASP B 305 -24.20 -10.29 -20.57
C ASP B 305 -22.82 -10.29 -19.94
N GLY B 306 -22.39 -9.17 -19.35
CA GLY B 306 -21.12 -9.07 -18.66
C GLY B 306 -20.00 -8.37 -19.41
N GLU B 307 -20.18 -8.03 -20.69
CA GLU B 307 -19.13 -7.37 -21.46
C GLU B 307 -19.27 -5.85 -21.41
N LEU B 308 -18.13 -5.16 -21.39
CA LEU B 308 -18.12 -3.73 -21.65
C LEU B 308 -18.46 -3.49 -23.12
N PRO B 309 -19.33 -2.53 -23.42
CA PRO B 309 -19.69 -2.28 -24.82
C PRO B 309 -18.45 -2.12 -25.70
N GLU B 310 -18.45 -2.83 -26.83
CA GLU B 310 -17.21 -2.89 -27.61
C GLU B 310 -16.81 -1.50 -28.13
N VAL B 311 -17.77 -0.65 -28.49
CA VAL B 311 -17.40 0.66 -28.98
C VAL B 311 -16.77 1.49 -27.88
N ALA B 312 -17.20 1.30 -26.62
CA ALA B 312 -16.57 2.01 -25.51
C ALA B 312 -15.15 1.52 -25.29
N VAL B 313 -14.93 0.22 -25.45
CA VAL B 313 -13.59 -0.36 -25.28
C VAL B 313 -12.64 0.21 -26.33
N GLN B 314 -13.14 0.36 -27.56
CA GLN B 314 -12.30 0.92 -28.62
C GLN B 314 -12.02 2.41 -28.38
N ARG B 315 -13.02 3.17 -27.92
CA ARG B 315 -12.74 4.56 -27.54
C ARG B 315 -11.67 4.62 -26.45
N LEU B 316 -11.78 3.75 -25.44
CA LEU B 316 -10.75 3.66 -24.39
C LEU B 316 -9.39 3.37 -25.00
N LYS B 317 -9.34 2.44 -25.95
CA LYS B 317 -8.07 2.08 -26.57
C LYS B 317 -7.43 3.29 -27.23
N GLU B 318 -8.24 4.07 -27.99
CA GLU B 318 -7.67 5.21 -28.72
C GLU B 318 -7.32 6.36 -27.78
N VAL B 319 -8.11 6.56 -26.74
CA VAL B 319 -7.70 7.51 -25.71
C VAL B 319 -6.36 7.07 -25.11
N GLY B 320 -6.19 5.77 -24.88
CA GLY B 320 -4.93 5.29 -24.35
C GLY B 320 -3.78 5.51 -25.30
N GLU B 321 -4.03 5.37 -26.60
CA GLU B 321 -2.99 5.66 -27.59
C GLU B 321 -2.57 7.12 -27.52
N TRP B 322 -3.53 8.03 -27.45
CA TRP B 322 -3.15 9.44 -27.29
C TRP B 322 -2.37 9.65 -26.00
N MET B 323 -2.83 9.03 -24.91
CA MET B 323 -2.19 9.21 -23.61
C MET B 323 -0.74 8.75 -23.65
N SER B 324 -0.48 7.58 -24.22
CA SER B 324 0.89 7.05 -24.17
C SER B 324 1.90 8.02 -24.80
N LYS B 325 1.45 8.95 -25.63
CA LYS B 325 2.30 9.97 -26.23
C LYS B 325 2.25 11.30 -25.47
N TYR B 326 1.07 11.69 -24.99
CA TYR B 326 0.84 13.02 -24.45
C TYR B 326 0.61 13.04 -22.93
N GLY B 327 0.74 11.90 -22.24
CA GLY B 327 0.29 11.82 -20.87
C GLY B 327 1.10 12.63 -19.90
N GLU B 328 2.36 12.93 -20.26
CA GLU B 328 3.20 13.72 -19.39
C GLU B 328 2.61 15.10 -19.13
N THR B 329 1.78 15.59 -20.04
CA THR B 329 1.17 16.91 -19.87
C THR B 329 -0.13 16.83 -19.07
N ILE B 330 -0.49 15.65 -18.55
CA ILE B 330 -1.74 15.48 -17.83
C ILE B 330 -1.51 14.84 -16.47
N TYR B 331 -0.95 13.63 -16.47
CA TYR B 331 -0.63 12.96 -15.22
C TYR B 331 0.18 13.89 -14.32
N GLY B 332 -0.10 13.85 -13.03
CA GLY B 332 0.65 14.65 -12.06
C GLY B 332 0.66 16.15 -12.25
N THR B 333 -0.24 16.71 -13.05
CA THR B 333 -0.30 18.15 -13.24
C THR B 333 -1.40 18.77 -12.36
N ARG B 334 -1.37 20.08 -12.26
CA ARG B 334 -2.48 20.85 -11.71
C ARG B 334 -2.97 21.82 -12.76
N GLY B 335 -4.04 22.54 -12.41
CA GLY B 335 -4.57 23.54 -13.32
C GLY B 335 -3.50 24.57 -13.68
N GLY B 336 -3.47 24.96 -14.95
CA GLY B 336 -2.40 25.80 -15.44
C GLY B 336 -2.52 27.25 -15.00
N LEU B 337 -1.37 27.93 -15.11
CA LEU B 337 -1.26 29.37 -14.88
C LEU B 337 -2.27 30.17 -15.70
N VAL B 338 -2.55 29.73 -16.93
CA VAL B 338 -3.42 30.46 -17.84
C VAL B 338 -4.80 29.81 -17.83
N ALA B 339 -5.83 30.59 -17.48
CA ALA B 339 -7.17 30.06 -17.36
C ALA B 339 -7.64 29.49 -18.71
N PRO B 340 -8.66 28.63 -18.70
CA PRO B 340 -9.20 28.13 -19.97
C PRO B 340 -9.63 29.27 -20.88
N HIS B 341 -9.40 29.09 -22.19
CA HIS B 341 -9.89 30.01 -23.21
C HIS B 341 -10.61 29.19 -24.28
N ASP B 342 -11.17 29.90 -25.26
CA ASP B 342 -11.80 29.21 -26.39
C ASP B 342 -10.80 28.36 -27.17
N TRP B 343 -9.52 28.72 -27.14
CA TRP B 343 -8.55 28.02 -27.96
C TRP B 343 -8.02 26.75 -27.31
N GLY B 344 -8.17 26.61 -25.99
CA GLY B 344 -7.62 25.48 -25.25
C GLY B 344 -7.39 25.84 -23.78
N VAL B 345 -6.45 25.13 -23.16
CA VAL B 345 -6.22 25.25 -21.72
C VAL B 345 -4.73 25.08 -21.47
N THR B 346 -4.33 25.18 -20.20
CA THR B 346 -2.96 24.93 -19.80
C THR B 346 -2.95 24.09 -18.54
N THR B 347 -1.96 23.24 -18.42
CA THR B 347 -1.70 22.47 -17.21
C THR B 347 -0.26 22.68 -16.81
N GLN B 348 0.01 22.80 -15.53
CA GLN B 348 1.36 23.12 -15.09
C GLN B 348 1.86 22.04 -14.13
N LYS B 349 3.18 21.86 -14.16
CA LYS B 349 3.84 20.85 -13.33
C LYS B 349 5.34 21.18 -13.33
N GLY B 350 5.91 21.31 -12.14
CA GLY B 350 7.30 21.75 -12.05
C GLY B 350 7.48 23.12 -12.67
N ASN B 351 8.51 23.25 -13.50
CA ASN B 351 8.75 24.48 -14.23
C ASN B 351 8.13 24.45 -15.63
N LYS B 352 7.30 23.45 -15.95
CA LYS B 352 6.71 23.33 -17.27
C LYS B 352 5.24 23.73 -17.25
N LEU B 353 4.88 24.67 -18.13
CA LEU B 353 3.50 25.02 -18.40
C LEU B 353 3.15 24.48 -19.78
N TYR B 354 2.21 23.53 -19.81
CA TYR B 354 1.78 22.89 -21.05
C TYR B 354 0.58 23.62 -21.60
N VAL B 355 0.75 24.25 -22.77
CA VAL B 355 -0.31 24.96 -23.46
C VAL B 355 -0.98 23.95 -24.41
N HIS B 356 -2.19 23.51 -24.05
CA HIS B 356 -2.98 22.61 -24.88
C HIS B 356 -3.83 23.43 -25.82
N ILE B 357 -3.46 23.45 -27.10
CA ILE B 357 -4.16 24.21 -28.12
C ILE B 357 -5.14 23.26 -28.79
N LEU B 358 -6.42 23.37 -28.41
CA LEU B 358 -7.46 22.46 -28.89
C LEU B 358 -8.27 23.01 -30.05
N ASN B 359 -8.25 24.32 -30.26
CA ASN B 359 -9.20 24.93 -31.17
C ASN B 359 -8.72 26.32 -31.57
N LEU B 360 -7.75 26.38 -32.49
CA LEU B 360 -7.06 27.61 -32.86
C LEU B 360 -7.08 27.77 -34.38
N GLN B 361 -7.53 28.94 -34.83
CA GLN B 361 -7.68 29.32 -36.23
C GLN B 361 -6.42 29.95 -36.82
N ASP B 362 -5.52 30.46 -35.98
CA ASP B 362 -4.44 31.32 -36.43
C ASP B 362 -3.11 30.59 -36.38
N LYS B 363 -2.09 31.22 -36.97
CA LYS B 363 -0.74 30.74 -36.86
C LYS B 363 0.01 31.34 -35.67
N ALA B 364 -0.70 32.08 -34.80
CA ALA B 364 -0.11 32.74 -33.63
C ALA B 364 -1.05 32.58 -32.45
N LEU B 365 -0.47 32.56 -31.25
CA LEU B 365 -1.24 32.44 -30.01
C LEU B 365 -0.74 33.44 -28.99
N PHE B 366 -1.64 34.28 -28.50
CA PHE B 366 -1.32 35.17 -27.39
C PHE B 366 -1.56 34.46 -26.06
N LEU B 367 -0.64 34.65 -25.13
CA LEU B 367 -0.74 34.04 -23.81
C LEU B 367 -0.57 35.17 -22.81
N PRO B 368 -1.57 35.45 -21.97
CA PRO B 368 -1.39 36.49 -20.96
C PRO B 368 -0.48 36.04 -19.83
N ILE B 369 0.77 35.74 -20.15
CA ILE B 369 1.77 35.37 -19.15
C ILE B 369 2.59 36.63 -18.87
N VAL B 370 2.34 37.23 -17.71
CA VAL B 370 2.83 38.58 -17.38
C VAL B 370 4.03 38.56 -16.44
N ASP B 371 3.78 38.24 -15.17
CA ASP B 371 4.81 38.36 -14.15
C ASP B 371 5.98 37.42 -14.44
N LYS B 372 5.67 36.16 -14.74
CA LYS B 372 6.73 35.17 -14.89
C LYS B 372 7.42 35.31 -16.25
N LYS B 373 8.71 35.03 -16.27
CA LYS B 373 9.48 35.03 -17.51
C LYS B 373 9.39 33.66 -18.14
N VAL B 374 9.11 33.62 -19.43
CA VAL B 374 9.16 32.39 -20.20
C VAL B 374 10.59 32.22 -20.74
N LYS B 375 11.22 31.10 -20.37
CA LYS B 375 12.60 30.86 -20.74
C LYS B 375 12.75 30.08 -22.04
N LYS B 376 11.84 29.14 -22.31
CA LYS B 376 11.93 28.24 -23.45
C LYS B 376 10.53 27.84 -23.91
N ALA B 377 10.34 27.78 -25.22
CA ALA B 377 9.08 27.37 -25.83
C ALA B 377 9.36 26.34 -26.91
N VAL B 378 8.87 25.11 -26.72
CA VAL B 378 9.04 24.07 -27.72
C VAL B 378 7.70 23.41 -28.01
N VAL B 379 7.63 22.72 -29.14
CA VAL B 379 6.53 21.79 -29.37
C VAL B 379 6.75 20.58 -28.47
N PHE B 380 5.73 20.21 -27.70
CA PHE B 380 5.93 19.07 -26.79
C PHE B 380 6.19 17.78 -27.56
N ALA B 381 5.52 17.61 -28.70
CA ALA B 381 5.57 16.32 -29.41
C ALA B 381 7.00 15.96 -29.80
N ASP B 382 7.79 16.93 -30.28
CA ASP B 382 9.12 16.64 -30.79
C ASP B 382 10.18 17.64 -30.33
N LYS B 383 9.86 18.51 -29.36
CA LYS B 383 10.84 19.45 -28.79
C LYS B 383 11.37 20.46 -29.83
N THR B 384 10.60 20.71 -30.89
CA THR B 384 10.95 21.75 -31.86
C THR B 384 10.70 23.14 -31.25
N PRO B 385 11.66 24.07 -31.33
CA PRO B 385 11.46 25.38 -30.71
C PRO B 385 10.32 26.15 -31.36
N VAL B 386 9.61 26.92 -30.53
CA VAL B 386 8.54 27.80 -30.99
C VAL B 386 8.99 29.23 -30.70
N ARG B 387 9.08 30.05 -31.75
CA ARG B 387 9.41 31.45 -31.51
C ARG B 387 8.26 32.14 -30.80
N PHE B 388 8.61 33.04 -29.89
CA PHE B 388 7.62 33.84 -29.16
C PHE B 388 8.24 35.19 -28.87
N THR B 389 7.41 36.22 -28.89
CA THR B 389 7.85 37.57 -28.55
C THR B 389 7.02 38.14 -27.42
N LYS B 390 7.64 39.04 -26.65
CA LYS B 390 7.02 39.61 -25.46
C LYS B 390 6.42 40.97 -25.79
N ASN B 391 5.24 41.25 -25.22
CA ASN B 391 4.62 42.56 -25.33
C ASN B 391 3.98 42.93 -24.00
N LYS B 392 3.53 44.18 -23.91
CA LYS B 392 2.93 44.76 -22.71
C LYS B 392 1.98 43.82 -21.96
N GLU B 393 1.21 42.98 -22.65
CA GLU B 393 0.19 42.16 -21.97
C GLU B 393 0.52 40.67 -21.92
N GLY B 394 1.68 40.23 -22.44
CA GLY B 394 2.01 38.82 -22.36
C GLY B 394 3.04 38.36 -23.38
N ILE B 395 2.83 37.17 -23.98
CA ILE B 395 3.70 36.70 -25.05
C ILE B 395 2.85 36.28 -26.25
N VAL B 396 3.52 36.13 -27.39
CA VAL B 396 2.88 35.74 -28.63
C VAL B 396 3.73 34.62 -29.25
N LEU B 397 3.15 33.42 -29.32
CA LEU B 397 3.73 32.25 -29.96
C LEU B 397 3.49 32.32 -31.46
N GLU B 398 4.55 32.24 -32.24
CA GLU B 398 4.47 32.12 -33.69
C GLU B 398 4.55 30.63 -34.01
N LEU B 399 3.47 30.08 -34.54
CA LEU B 399 3.42 28.65 -34.79
C LEU B 399 3.75 28.36 -36.24
N ALA B 400 4.13 27.09 -36.48
CA ALA B 400 4.51 26.65 -37.82
C ALA B 400 3.33 26.61 -38.79
N LYS B 401 2.11 26.46 -38.27
CA LYS B 401 0.92 26.36 -39.10
C LYS B 401 -0.29 26.43 -38.19
N VAL B 402 -1.46 26.56 -38.79
CA VAL B 402 -2.72 26.54 -38.08
C VAL B 402 -2.92 25.12 -37.56
N PRO B 403 -2.86 24.91 -36.25
CA PRO B 403 -2.93 23.54 -35.72
C PRO B 403 -4.25 22.88 -36.07
N THR B 404 -4.18 21.58 -36.35
CA THR B 404 -5.36 20.77 -36.57
C THR B 404 -5.39 19.54 -35.68
N ASP B 405 -4.34 19.27 -34.92
CA ASP B 405 -4.31 18.10 -34.05
C ASP B 405 -5.44 18.16 -33.03
N VAL B 406 -5.77 16.97 -32.51
CA VAL B 406 -6.69 16.88 -31.37
C VAL B 406 -6.25 17.84 -30.28
N ASP B 407 -4.95 17.90 -30.02
CA ASP B 407 -4.39 18.78 -28.99
C ASP B 407 -2.96 19.11 -29.41
N TYR B 408 -2.72 20.34 -29.85
CA TYR B 408 -1.36 20.78 -30.24
C TYR B 408 -0.71 21.41 -29.02
N VAL B 409 0.21 20.69 -28.39
CA VAL B 409 0.75 21.08 -27.09
C VAL B 409 2.08 21.79 -27.28
N VAL B 410 2.18 22.98 -26.69
CA VAL B 410 3.41 23.75 -26.65
C VAL B 410 3.90 23.75 -25.20
N GLU B 411 5.11 23.25 -25.00
CA GLU B 411 5.72 23.14 -23.68
C GLU B 411 6.54 24.41 -23.39
N LEU B 412 6.13 25.15 -22.37
CA LEU B 412 6.80 26.36 -21.92
C LEU B 412 7.58 26.06 -20.66
N THR B 413 8.76 26.64 -20.54
CA THR B 413 9.54 26.61 -19.32
C THR B 413 9.34 27.94 -18.61
N ILE B 414 8.81 27.87 -17.40
CA ILE B 414 8.46 29.04 -16.61
C ILE B 414 9.31 28.99 -15.34
N ASP B 415 9.92 30.12 -15.00
CA ASP B 415 10.76 30.22 -13.81
C ASP B 415 9.96 29.92 -12.54
#